data_3PKQ
#
_entry.id   3PKQ
#
_cell.length_a   109.400
_cell.length_b   109.400
_cell.length_c   110.075
_cell.angle_alpha   90.000
_cell.angle_beta   90.000
_cell.angle_gamma   90.000
#
_symmetry.space_group_name_H-M   'P 41'
#
loop_
_entity.id
_entity.type
_entity.pdbx_description
1 polymer 'Glucose-1-phosphate thymidylyltransferase'
2 non-polymer "2'-DEOXYGUANOSINE-5'-TRIPHOSPHATE"
3 non-polymer 'MAGNESIUM ION'
4 non-polymer DI(HYDROXYETHYL)ETHER
5 water water
#
_entity_poly.entity_id   1
_entity_poly.type   'polypeptide(L)'
_entity_poly.pdbx_seq_one_letter_code
;MKTRKGIILAGGSGTRLYPVTMAVSKQLLPIYDKPMIYYPLSTLMLAGIRDILIISTPQDTPRFQQLLGDGSQWGLNLQY
KVDPSPDGLAQAFIIGEEFIGHDDCALVLGDNIFYGHDLPKLMEAAVNKESGATVFAYHVNDPERYGVVEFDQKGTAVSL
EEKPLQPKSNYAVTGLYFYDNSVVEMAKNLKPSARGELEITDINRIYMEQGRLSVAMMGRGYAWLDTGTHQSLIEASNFI
ATIEERQGLKVSCPEEIAFRKNFINAQQVIELAGPLSKNDYGKYLLKMVKGL
;
_entity_poly.pdbx_strand_id   A,B,C,D
#
loop_
_chem_comp.id
_chem_comp.type
_chem_comp.name
_chem_comp.formula
DGT non-polymer 2'-DEOXYGUANOSINE-5'-TRIPHOSPHATE 'C10 H16 N5 O13 P3'
MG non-polymer 'MAGNESIUM ION' 'Mg 2'
PEG non-polymer DI(HYDROXYETHYL)ETHER 'C4 H10 O3'
#
# COMPACT_ATOMS: atom_id res chain seq x y z
N THR A 3 25.69 18.18 -28.54
CA THR A 3 24.73 19.21 -28.87
C THR A 3 23.43 19.09 -28.04
N ARG A 4 23.11 17.88 -27.56
CA ARG A 4 21.92 17.65 -26.72
C ARG A 4 22.21 17.98 -25.25
N LYS A 5 21.63 19.06 -24.74
CA LYS A 5 21.93 19.51 -23.37
C LYS A 5 20.69 19.62 -22.49
N GLY A 6 20.88 19.44 -21.19
CA GLY A 6 19.77 19.56 -20.28
C GLY A 6 20.18 20.14 -18.96
N ILE A 7 19.21 20.71 -18.26
CA ILE A 7 19.41 21.24 -16.93
C ILE A 7 18.45 20.57 -15.95
N ILE A 8 18.96 20.13 -14.82
CA ILE A 8 18.12 19.65 -13.73
C ILE A 8 18.10 20.65 -12.57
N LEU A 9 16.91 21.08 -12.17
CA LEU A 9 16.78 21.98 -11.04
C LEU A 9 16.58 21.15 -9.80
N ALA A 10 17.58 21.16 -8.93
CA ALA A 10 17.62 20.25 -7.79
C ALA A 10 17.92 20.97 -6.50
N GLY A 11 17.41 22.18 -6.36
CA GLY A 11 17.57 22.89 -5.11
C GLY A 11 16.25 22.95 -4.36
N GLY A 12 15.95 24.11 -3.80
CA GLY A 12 14.68 24.34 -3.14
C GLY A 12 14.79 23.91 -1.70
N SER A 13 13.72 24.12 -0.95
CA SER A 13 13.76 23.82 0.48
C SER A 13 13.04 22.54 0.82
N GLY A 14 12.03 22.20 0.01
CA GLY A 14 11.18 21.07 0.34
C GLY A 14 10.59 21.21 1.75
N THR A 15 10.09 22.41 2.08
CA THR A 15 9.56 22.76 3.41
C THR A 15 8.25 22.06 3.79
N ARG A 16 7.41 21.79 2.79
CA ARG A 16 6.29 20.89 2.92
C ARG A 16 6.74 19.54 3.48
N LEU A 17 8.02 19.18 3.29
CA LEU A 17 8.50 17.84 3.64
C LEU A 17 9.22 17.76 4.99
N TYR A 18 9.24 18.86 5.73
CA TYR A 18 9.73 18.78 7.09
C TYR A 18 8.96 17.73 7.89
N PRO A 19 9.66 17.02 8.78
CA PRO A 19 11.09 17.20 9.07
C PRO A 19 12.02 16.31 8.24
N VAL A 20 11.54 15.54 7.26
CA VAL A 20 12.48 14.70 6.53
C VAL A 20 13.50 15.47 5.67
N THR A 21 13.23 16.74 5.38
CA THR A 21 14.12 17.52 4.54
C THR A 21 14.92 18.51 5.37
N MET A 22 14.83 18.41 6.69
CA MET A 22 15.63 19.29 7.52
C MET A 22 17.12 19.05 7.33
N ALA A 23 17.52 17.79 7.17
CA ALA A 23 18.92 17.47 7.03
C ALA A 23 19.24 16.70 5.76
N VAL A 24 18.22 16.46 4.93
CA VAL A 24 18.39 15.75 3.66
C VAL A 24 17.71 16.52 2.52
N SER A 25 18.42 16.73 1.42
CA SER A 25 17.81 17.37 0.27
C SER A 25 16.65 16.53 -0.24
N LYS A 26 15.53 17.18 -0.55
CA LYS A 26 14.38 16.53 -1.18
C LYS A 26 14.78 15.56 -2.31
N GLN A 27 15.71 15.98 -3.17
CA GLN A 27 16.10 15.21 -4.34
C GLN A 27 17.06 14.08 -4.04
N LEU A 28 17.41 13.92 -2.77
CA LEU A 28 18.11 12.70 -2.34
C LEU A 28 17.19 11.71 -1.59
N LEU A 29 15.94 12.09 -1.34
CA LEU A 29 14.99 11.18 -0.71
C LEU A 29 14.76 9.97 -1.61
N PRO A 30 14.66 8.79 -1.01
CA PRO A 30 14.41 7.59 -1.83
C PRO A 30 13.01 7.55 -2.43
N ILE A 31 12.94 7.21 -3.71
CA ILE A 31 11.68 6.83 -4.30
C ILE A 31 11.81 5.35 -4.56
N TYR A 32 11.36 4.58 -3.58
CA TYR A 32 11.64 3.16 -3.50
C TYR A 32 13.15 2.91 -3.40
N ASP A 33 13.77 2.33 -4.43
CA ASP A 33 15.17 1.95 -4.32
C ASP A 33 16.19 2.91 -4.93
N LYS A 34 15.76 4.11 -5.33
CA LYS A 34 16.63 5.12 -5.96
C LYS A 34 16.44 6.50 -5.37
N PRO A 35 17.52 7.27 -5.28
CA PRO A 35 17.37 8.70 -4.94
C PRO A 35 16.50 9.43 -5.98
N MET A 36 15.65 10.30 -5.46
CA MET A 36 14.69 11.00 -6.29
C MET A 36 15.28 11.51 -7.60
N ILE A 37 16.52 11.99 -7.55
CA ILE A 37 17.13 12.64 -8.72
C ILE A 37 17.44 11.68 -9.88
N TYR A 38 17.53 10.39 -9.59
CA TYR A 38 17.69 9.41 -10.65
C TYR A 38 16.54 9.48 -11.67
N TYR A 39 15.32 9.82 -11.22
CA TYR A 39 14.18 9.85 -12.11
C TYR A 39 14.26 10.96 -13.16
N PRO A 40 14.34 12.22 -12.74
CA PRO A 40 14.40 13.25 -13.78
C PRO A 40 15.65 13.10 -14.62
N LEU A 41 16.72 12.63 -14.01
CA LEU A 41 17.95 12.35 -14.75
C LEU A 41 17.77 11.28 -15.86
N SER A 42 17.13 10.17 -15.50
CA SER A 42 16.82 9.12 -16.48
C SER A 42 15.92 9.65 -17.59
N THR A 43 14.98 10.51 -17.25
CA THR A 43 14.13 11.13 -18.27
C THR A 43 14.99 11.86 -19.31
N LEU A 44 16.01 12.60 -18.86
CA LEU A 44 16.93 13.26 -19.75
C LEU A 44 17.75 12.29 -20.58
N MET A 45 18.27 11.23 -19.95
CA MET A 45 19.01 10.19 -20.64
C MET A 45 18.16 9.56 -21.75
N LEU A 46 16.88 9.33 -21.47
CA LEU A 46 16.00 8.67 -22.43
C LEU A 46 15.75 9.53 -23.66
N ALA A 47 16.02 10.82 -23.54
CA ALA A 47 15.82 11.73 -24.64
C ALA A 47 17.16 11.92 -25.36
N GLY A 48 18.15 11.11 -24.97
CA GLY A 48 19.45 11.17 -25.62
C GLY A 48 20.34 12.30 -25.13
N ILE A 49 19.90 12.98 -24.08
CA ILE A 49 20.68 14.07 -23.52
C ILE A 49 21.78 13.52 -22.63
N ARG A 50 23.03 13.90 -22.91
CA ARG A 50 24.19 13.34 -22.19
C ARG A 50 25.04 14.38 -21.48
N ASP A 51 24.84 15.65 -21.82
CA ASP A 51 25.52 16.75 -21.17
C ASP A 51 24.50 17.50 -20.34
N ILE A 52 24.66 17.44 -19.02
CA ILE A 52 23.63 17.86 -18.09
C ILE A 52 24.20 18.72 -16.98
N LEU A 53 23.56 19.87 -16.78
CA LEU A 53 23.94 20.78 -15.70
C LEU A 53 22.95 20.61 -14.54
N ILE A 54 23.49 20.33 -13.37
CA ILE A 54 22.67 20.16 -12.19
C ILE A 54 22.83 21.42 -11.34
N ILE A 55 21.74 22.16 -11.14
CA ILE A 55 21.77 23.35 -10.31
C ILE A 55 21.15 23.06 -8.95
N SER A 56 21.89 23.36 -7.87
CA SER A 56 21.40 23.06 -6.53
C SER A 56 21.88 24.08 -5.49
N THR A 57 21.65 23.77 -4.22
CA THR A 57 22.04 24.67 -3.13
C THR A 57 23.50 24.48 -2.78
N PRO A 58 24.07 25.45 -2.06
CA PRO A 58 25.46 25.36 -1.60
C PRO A 58 25.67 24.13 -0.75
N GLN A 59 24.70 23.88 0.12
CA GLN A 59 24.79 22.79 1.08
C GLN A 59 24.60 21.38 0.47
N ASP A 60 23.72 21.26 -0.53
CA ASP A 60 23.37 19.96 -1.10
C ASP A 60 24.19 19.57 -2.33
N THR A 61 24.64 20.57 -3.10
CA THR A 61 25.43 20.32 -4.32
C THR A 61 26.56 19.29 -4.10
N PRO A 62 27.30 19.40 -2.98
CA PRO A 62 28.34 18.39 -2.66
C PRO A 62 27.75 16.99 -2.48
N ARG A 63 26.55 16.92 -1.89
CA ARG A 63 25.90 15.63 -1.70
C ARG A 63 25.54 14.95 -3.03
N PHE A 64 24.96 15.71 -3.96
CA PHE A 64 24.81 15.22 -5.35
C PHE A 64 26.10 14.76 -6.03
N GLN A 65 27.18 15.53 -5.86
CA GLN A 65 28.43 15.17 -6.49
C GLN A 65 28.91 13.86 -5.90
N GLN A 66 28.76 13.71 -4.59
CA GLN A 66 29.19 12.47 -3.96
C GLN A 66 28.38 11.28 -4.50
N LEU A 67 27.11 11.51 -4.77
CA LEU A 67 26.25 10.48 -5.34
C LEU A 67 26.50 10.19 -6.80
N LEU A 68 26.63 11.25 -7.59
CA LEU A 68 26.62 11.16 -9.05
C LEU A 68 28.00 11.32 -9.70
N GLY A 69 28.88 12.08 -9.07
CA GLY A 69 30.18 12.36 -9.67
C GLY A 69 30.03 13.18 -10.94
N ASP A 70 30.90 12.94 -11.92
CA ASP A 70 30.82 13.64 -13.21
C ASP A 70 30.03 12.84 -14.23
N GLY A 71 29.48 11.72 -13.79
CA GLY A 71 28.52 10.98 -14.58
C GLY A 71 29.16 10.14 -15.64
N SER A 72 30.48 10.15 -15.69
CA SER A 72 31.24 9.40 -16.70
C SER A 72 31.01 7.90 -16.55
N GLN A 73 30.71 7.46 -15.35
CA GLN A 73 30.42 6.06 -15.10
C GLN A 73 29.23 5.58 -15.94
N TRP A 74 28.37 6.52 -16.32
CA TRP A 74 27.17 6.21 -17.11
C TRP A 74 27.24 6.74 -18.53
N GLY A 75 28.41 7.23 -18.92
CA GLY A 75 28.62 7.78 -20.24
C GLY A 75 28.06 9.18 -20.38
N LEU A 76 28.09 9.94 -19.28
CA LEU A 76 27.51 11.27 -19.27
C LEU A 76 28.54 12.29 -18.87
N ASN A 77 28.20 13.54 -19.13
CA ASN A 77 28.99 14.65 -18.63
C ASN A 77 28.12 15.50 -17.70
N LEU A 78 28.36 15.38 -16.39
CA LEU A 78 27.59 16.14 -15.42
C LEU A 78 28.41 17.29 -14.91
N GLN A 79 27.81 18.46 -14.85
CA GLN A 79 28.44 19.64 -14.31
C GLN A 79 27.50 20.18 -13.26
N TYR A 80 28.00 21.05 -12.40
CA TYR A 80 27.25 21.54 -11.24
C TYR A 80 27.38 23.05 -11.10
N LYS A 81 26.30 23.68 -10.68
CA LYS A 81 26.30 25.09 -10.39
C LYS A 81 25.47 25.35 -9.15
N VAL A 82 26.05 26.07 -8.20
CA VAL A 82 25.35 26.44 -6.98
C VAL A 82 24.62 27.74 -7.22
N ASP A 83 23.38 27.85 -6.79
CA ASP A 83 22.70 29.14 -6.77
C ASP A 83 22.23 29.45 -5.36
N PRO A 84 22.33 30.74 -4.97
CA PRO A 84 21.91 31.25 -3.67
C PRO A 84 20.40 31.20 -3.49
N SER A 85 19.71 30.40 -4.30
N SER A 85 19.73 30.38 -4.29
CA SER A 85 18.25 30.41 -4.35
CA SER A 85 18.28 30.23 -4.22
C SER A 85 17.67 31.81 -4.58
C SER A 85 17.56 31.40 -4.85
N PRO A 86 18.34 32.63 -5.41
N PRO A 86 16.94 31.16 -6.02
CA PRO A 86 17.60 33.84 -5.80
CA PRO A 86 16.12 32.08 -6.78
C PRO A 86 16.33 33.34 -6.46
C PRO A 86 16.20 33.55 -6.31
N ASP A 87 15.23 34.03 -6.22
N ASP A 87 15.11 34.32 -6.33
CA ASP A 87 13.97 33.61 -6.78
CA ASP A 87 13.83 33.92 -6.89
C ASP A 87 14.12 33.30 -8.27
C ASP A 87 13.98 33.51 -8.36
N GLY A 88 13.12 32.62 -8.84
CA GLY A 88 13.07 32.34 -10.26
C GLY A 88 13.59 31.01 -10.73
N LEU A 89 12.69 30.17 -11.20
CA LEU A 89 13.09 28.96 -11.90
C LEU A 89 13.65 29.27 -13.31
N ALA A 90 13.17 30.33 -13.93
CA ALA A 90 13.68 30.71 -15.25
C ALA A 90 15.11 31.23 -15.15
N GLN A 91 15.57 31.44 -13.92
CA GLN A 91 16.94 31.83 -13.66
C GLN A 91 17.91 30.71 -14.07
N ALA A 92 17.36 29.55 -14.42
CA ALA A 92 18.18 28.41 -14.82
C ALA A 92 18.95 28.73 -16.09
N PHE A 93 18.30 29.44 -17.00
CA PHE A 93 18.91 29.75 -18.27
C PHE A 93 19.95 30.85 -18.15
N ILE A 94 19.90 31.58 -17.05
CA ILE A 94 20.87 32.61 -16.78
C ILE A 94 22.09 31.97 -16.11
N ILE A 95 21.85 31.22 -15.05
CA ILE A 95 22.92 30.47 -14.39
C ILE A 95 23.64 29.54 -15.37
N GLY A 96 22.91 29.03 -16.36
CA GLY A 96 23.48 28.04 -17.24
C GLY A 96 23.79 28.54 -18.63
N GLU A 97 23.88 29.86 -18.76
CA GLU A 97 24.10 30.49 -20.05
C GLU A 97 25.38 29.98 -20.70
N GLU A 98 26.47 29.96 -19.94
CA GLU A 98 27.73 29.42 -20.43
C GLU A 98 27.64 27.94 -20.82
N PHE A 99 27.07 27.13 -19.93
CA PHE A 99 26.85 25.72 -20.21
C PHE A 99 26.07 25.47 -21.50
N ILE A 100 25.04 26.29 -21.70
CA ILE A 100 24.16 26.13 -22.86
C ILE A 100 24.84 26.56 -24.16
N GLY A 101 25.51 27.70 -24.11
CA GLY A 101 26.17 28.25 -25.28
C GLY A 101 25.23 28.46 -26.43
N HIS A 102 25.47 27.79 -27.55
CA HIS A 102 24.67 27.99 -28.76
C HIS A 102 23.67 26.89 -29.00
N ASP A 103 23.61 25.94 -28.06
CA ASP A 103 22.79 24.73 -28.25
C ASP A 103 21.36 24.91 -27.77
N ASP A 104 20.50 24.01 -28.23
CA ASP A 104 19.17 23.86 -27.64
C ASP A 104 19.33 23.32 -26.22
N CYS A 105 18.25 23.38 -25.44
CA CYS A 105 18.29 22.94 -24.06
C CYS A 105 16.97 22.40 -23.51
N ALA A 106 17.05 21.30 -22.77
CA ALA A 106 15.91 20.77 -22.02
C ALA A 106 16.03 21.16 -20.55
N LEU A 107 14.90 21.26 -19.87
CA LEU A 107 14.90 21.62 -18.47
C LEU A 107 13.91 20.71 -17.78
N VAL A 108 14.36 20.10 -16.69
CA VAL A 108 13.50 19.26 -15.89
C VAL A 108 13.65 19.58 -14.41
N LEU A 109 12.53 19.59 -13.68
CA LEU A 109 12.55 19.76 -12.21
C LEU A 109 13.01 18.50 -11.49
N GLY A 110 13.85 18.67 -10.47
CA GLY A 110 14.49 17.53 -9.78
C GLY A 110 13.52 16.59 -9.07
N ASP A 111 12.28 17.02 -8.89
CA ASP A 111 11.31 16.19 -8.20
C ASP A 111 10.16 15.74 -9.11
N ASN A 112 10.38 15.79 -10.41
CA ASN A 112 9.39 15.32 -11.38
C ASN A 112 9.69 13.90 -11.79
N ILE A 113 8.66 13.07 -11.73
CA ILE A 113 8.81 11.69 -12.02
C ILE A 113 7.86 11.33 -13.14
N PHE A 114 8.43 10.99 -14.31
CA PHE A 114 7.66 10.65 -15.51
C PHE A 114 7.76 9.16 -15.81
N TYR A 115 6.65 8.55 -16.16
CA TYR A 115 6.68 7.16 -16.60
C TYR A 115 5.75 6.96 -17.78
N GLY A 116 6.27 6.30 -18.82
CA GLY A 116 5.44 5.92 -19.96
C GLY A 116 6.23 5.23 -21.04
N HIS A 117 5.72 4.10 -21.53
CA HIS A 117 6.41 3.37 -22.59
C HIS A 117 6.80 4.29 -23.73
N ASP A 118 5.90 5.19 -24.12
CA ASP A 118 6.11 6.07 -25.27
C ASP A 118 6.75 7.44 -25.00
N LEU A 119 7.13 7.71 -23.76
CA LEU A 119 7.75 8.98 -23.43
C LEU A 119 8.96 9.31 -24.33
N PRO A 120 9.84 8.33 -24.58
CA PRO A 120 11.00 8.57 -25.46
C PRO A 120 10.64 9.07 -26.86
N LYS A 121 9.60 8.52 -27.47
CA LYS A 121 9.15 9.02 -28.77
C LYS A 121 8.66 10.46 -28.66
N LEU A 122 7.88 10.75 -27.63
CA LEU A 122 7.41 12.10 -27.38
C LEU A 122 8.59 13.07 -27.28
N MET A 123 9.64 12.63 -26.59
CA MET A 123 10.78 13.49 -26.36
C MET A 123 11.65 13.63 -27.60
N GLU A 124 11.68 12.59 -28.43
CA GLU A 124 12.41 12.66 -29.69
C GLU A 124 11.83 13.80 -30.54
N ALA A 125 10.51 13.80 -30.70
CA ALA A 125 9.80 14.84 -31.43
C ALA A 125 10.14 16.23 -30.91
N ALA A 126 10.21 16.39 -29.60
CA ALA A 126 10.50 17.69 -29.01
C ALA A 126 11.95 18.13 -29.26
N VAL A 127 12.89 17.18 -29.23
CA VAL A 127 14.28 17.45 -29.54
C VAL A 127 14.44 17.81 -31.02
N ASN A 128 13.68 17.12 -31.87
CA ASN A 128 13.76 17.29 -33.32
C ASN A 128 12.95 18.47 -33.87
N LYS A 129 12.46 19.31 -32.97
CA LYS A 129 11.73 20.49 -33.37
C LYS A 129 12.74 21.57 -33.77
N GLU A 130 12.63 22.05 -35.00
CA GLU A 130 13.62 22.98 -35.51
C GLU A 130 13.81 24.12 -34.51
N SER A 131 12.69 24.80 -34.22
CA SER A 131 12.68 26.00 -33.41
C SER A 131 11.50 25.96 -32.44
N GLY A 132 11.49 26.90 -31.50
CA GLY A 132 10.43 26.98 -30.52
C GLY A 132 10.66 26.11 -29.31
N ALA A 133 9.59 25.84 -28.59
CA ALA A 133 9.61 25.12 -27.35
C ALA A 133 8.54 24.03 -27.29
N THR A 134 8.78 22.99 -26.49
CA THR A 134 7.77 21.97 -26.24
C THR A 134 7.54 21.84 -24.74
N VAL A 135 6.28 21.92 -24.33
CA VAL A 135 5.92 21.64 -22.95
C VAL A 135 5.14 20.35 -22.96
N PHE A 136 5.09 19.71 -21.80
CA PHE A 136 4.45 18.41 -21.64
C PHE A 136 3.26 18.56 -20.72
N ALA A 137 2.09 18.22 -21.24
CA ALA A 137 0.83 18.36 -20.52
C ALA A 137 0.31 17.01 -20.03
N TYR A 138 -0.32 17.05 -18.86
CA TYR A 138 -0.93 15.95 -18.13
C TYR A 138 -2.26 16.35 -17.46
N HIS A 139 -3.27 15.50 -17.45
CA HIS A 139 -4.57 15.79 -16.86
C HIS A 139 -4.51 15.68 -15.35
N VAL A 140 -4.88 16.76 -14.66
CA VAL A 140 -4.95 16.76 -13.20
C VAL A 140 -6.32 17.20 -12.70
N ASN A 141 -6.78 16.60 -11.62
CA ASN A 141 -8.11 16.88 -11.10
C ASN A 141 -8.19 18.21 -10.36
N ASP A 142 -7.04 18.83 -10.13
CA ASP A 142 -7.00 20.12 -9.44
C ASP A 142 -6.08 21.12 -10.12
N PRO A 143 -6.44 21.54 -11.35
CA PRO A 143 -5.61 22.43 -12.18
C PRO A 143 -5.20 23.71 -11.46
N GLU A 144 -5.93 24.05 -10.41
CA GLU A 144 -5.74 25.31 -9.70
C GLU A 144 -4.32 25.53 -9.16
N ARG A 145 -3.65 24.45 -8.79
CA ARG A 145 -2.31 24.58 -8.22
C ARG A 145 -1.19 24.25 -9.20
N TYR A 146 -1.52 24.29 -10.49
CA TYR A 146 -0.57 24.00 -11.55
C TYR A 146 -0.59 25.07 -12.63
N GLY A 147 0.46 25.11 -13.44
CA GLY A 147 0.42 25.85 -14.68
C GLY A 147 -0.61 25.15 -15.56
N VAL A 148 -1.52 25.92 -16.14
CA VAL A 148 -2.59 25.33 -16.93
C VAL A 148 -2.52 25.76 -18.38
N VAL A 149 -2.54 24.77 -19.27
CA VAL A 149 -2.47 25.04 -20.69
C VAL A 149 -3.79 24.66 -21.37
N GLU A 150 -4.13 25.30 -22.56
CA GLU A 150 -5.20 24.95 -23.48
C GLU A 150 -4.64 24.98 -24.89
N PHE A 151 -4.71 23.87 -25.62
CA PHE A 151 -4.01 23.81 -26.89
C PHE A 151 -4.87 23.47 -28.12
N ASP A 152 -4.30 23.74 -29.29
CA ASP A 152 -4.98 23.50 -30.56
C ASP A 152 -4.94 22.02 -30.95
N THR A 156 -0.44 23.12 -30.91
CA THR A 156 -0.02 24.50 -30.62
C THR A 156 -0.83 25.10 -29.48
N ALA A 157 -0.14 25.67 -28.50
CA ALA A 157 -0.78 26.22 -27.30
C ALA A 157 -1.67 27.43 -27.61
N VAL A 158 -2.79 27.53 -26.90
CA VAL A 158 -3.73 28.63 -27.05
C VAL A 158 -3.75 29.58 -25.84
N SER A 159 -3.61 29.09 -24.61
CA SER A 159 -3.67 29.88 -23.37
C SER A 159 -2.78 29.28 -22.28
N LEU A 160 -2.17 30.13 -21.46
CA LEU A 160 -1.29 29.70 -20.37
C LEU A 160 -1.46 30.52 -19.09
N GLU A 161 -1.73 29.86 -17.98
CA GLU A 161 -1.94 30.56 -16.72
C GLU A 161 -1.25 29.86 -15.55
N GLU A 162 -0.34 30.57 -14.89
CA GLU A 162 0.33 30.02 -13.72
C GLU A 162 -0.59 30.05 -12.51
N LYS A 163 -0.88 28.87 -11.97
CA LYS A 163 -1.78 28.75 -10.82
C LYS A 163 -3.02 29.62 -11.00
N PRO A 164 -3.89 29.29 -11.96
CA PRO A 164 -5.07 30.10 -12.24
C PRO A 164 -6.17 29.88 -11.21
N LEU A 165 -6.78 30.95 -10.71
CA LEU A 165 -7.92 30.81 -9.81
C LEU A 165 -9.10 30.23 -10.58
N GLN A 166 -9.27 30.68 -11.82
CA GLN A 166 -10.29 30.11 -12.71
C GLN A 166 -9.64 29.43 -13.90
N PRO A 167 -9.07 28.23 -13.68
CA PRO A 167 -8.38 27.46 -14.72
C PRO A 167 -9.30 27.15 -15.91
N LYS A 168 -8.73 27.19 -17.11
CA LYS A 168 -9.52 27.04 -18.33
C LYS A 168 -9.44 25.63 -18.91
N SER A 169 -8.68 24.77 -18.25
CA SER A 169 -8.57 23.37 -18.66
C SER A 169 -8.12 22.49 -17.51
N ASN A 170 -8.16 21.18 -17.71
CA ASN A 170 -7.67 20.23 -16.72
C ASN A 170 -6.19 19.88 -16.92
N TYR A 171 -5.60 20.42 -17.97
CA TYR A 171 -4.24 20.06 -18.35
C TYR A 171 -3.16 20.88 -17.64
N ALA A 172 -2.37 20.20 -16.81
CA ALA A 172 -1.28 20.83 -16.09
C ALA A 172 -0.02 20.76 -16.94
N VAL A 173 0.77 21.82 -16.90
CA VAL A 173 2.05 21.82 -17.57
C VAL A 173 3.02 21.17 -16.59
N THR A 174 3.69 20.11 -17.03
CA THR A 174 4.60 19.38 -16.18
C THR A 174 5.97 20.04 -16.13
N GLY A 175 6.82 19.53 -15.26
CA GLY A 175 8.14 20.09 -15.06
C GLY A 175 9.18 19.58 -16.04
N LEU A 176 8.77 19.31 -17.28
CA LEU A 176 9.69 18.92 -18.33
C LEU A 176 9.54 19.86 -19.53
N TYR A 177 10.61 20.55 -19.91
CA TYR A 177 10.55 21.53 -20.98
C TYR A 177 11.68 21.39 -22.01
N PHE A 178 11.35 21.57 -23.28
CA PHE A 178 12.38 21.62 -24.32
C PHE A 178 12.45 22.97 -25.02
N TYR A 179 13.61 23.62 -24.96
CA TYR A 179 13.79 24.93 -25.60
C TYR A 179 14.86 24.95 -26.69
N ASP A 180 14.67 25.84 -27.67
CA ASP A 180 15.75 26.16 -28.59
C ASP A 180 16.63 27.24 -27.95
N ASN A 181 17.75 27.57 -28.59
CA ASN A 181 18.77 28.44 -27.99
C ASN A 181 18.26 29.83 -27.61
N SER A 182 17.20 30.27 -28.27
CA SER A 182 16.63 31.60 -28.03
C SER A 182 16.08 31.81 -26.61
N VAL A 183 16.03 30.75 -25.81
CA VAL A 183 15.50 30.86 -24.46
C VAL A 183 16.42 31.63 -23.52
N VAL A 184 17.73 31.55 -23.77
CA VAL A 184 18.71 32.24 -22.94
C VAL A 184 18.51 33.75 -23.00
N GLU A 185 18.26 34.25 -24.21
CA GLU A 185 18.01 35.67 -24.38
C GLU A 185 16.65 36.06 -23.79
N MET A 186 15.63 35.22 -24.01
CA MET A 186 14.34 35.45 -23.37
C MET A 186 14.48 35.58 -21.87
N ALA A 187 15.21 34.66 -21.26
CA ALA A 187 15.37 34.66 -19.81
C ALA A 187 16.08 35.93 -19.38
N LYS A 188 17.10 36.35 -20.13
CA LYS A 188 17.89 37.52 -19.76
C LYS A 188 17.08 38.83 -19.85
N ASN A 189 16.15 38.90 -20.80
CA ASN A 189 15.30 40.08 -20.96
C ASN A 189 13.94 39.96 -20.28
N LEU A 190 13.81 38.99 -19.38
CA LEU A 190 12.52 38.73 -18.74
C LEU A 190 12.33 39.59 -17.49
N LYS A 191 11.14 40.14 -17.36
CA LYS A 191 10.81 40.94 -16.18
C LYS A 191 10.31 40.06 -15.06
N PRO A 192 10.80 40.29 -13.84
CA PRO A 192 10.34 39.50 -12.69
C PRO A 192 8.84 39.62 -12.56
N SER A 193 8.18 38.55 -12.14
CA SER A 193 6.75 38.57 -11.91
C SER A 193 6.44 39.28 -10.61
N ALA A 194 5.15 39.35 -10.28
CA ALA A 194 4.69 40.06 -9.10
C ALA A 194 5.38 39.54 -7.86
N ARG A 195 5.47 38.21 -7.72
CA ARG A 195 6.13 37.61 -6.57
C ARG A 195 7.66 37.74 -6.63
N GLY A 196 8.15 38.44 -7.65
CA GLY A 196 9.55 38.83 -7.73
C GLY A 196 10.44 37.76 -8.29
N GLU A 197 9.89 36.95 -9.19
CA GLU A 197 10.53 35.74 -9.64
C GLU A 197 10.56 35.67 -11.17
N LEU A 198 11.69 35.24 -11.73
CA LEU A 198 11.70 34.93 -13.17
C LEU A 198 10.95 33.62 -13.40
N GLU A 199 9.85 33.69 -14.13
CA GLU A 199 8.89 32.59 -14.21
C GLU A 199 9.01 31.79 -15.48
N ILE A 200 9.10 30.47 -15.35
CA ILE A 200 9.11 29.63 -16.53
C ILE A 200 7.83 29.80 -17.33
N THR A 201 6.73 30.06 -16.63
CA THR A 201 5.45 30.22 -17.32
C THR A 201 5.46 31.46 -18.22
N ASP A 202 6.12 32.53 -17.78
CA ASP A 202 6.25 33.74 -18.57
C ASP A 202 7.01 33.42 -19.85
N ILE A 203 8.13 32.72 -19.69
CA ILE A 203 8.94 32.30 -20.83
C ILE A 203 8.12 31.47 -21.80
N ASN A 204 7.34 30.53 -21.27
CA ASN A 204 6.51 29.68 -22.11
C ASN A 204 5.43 30.46 -22.83
N ARG A 205 4.88 31.49 -22.16
CA ARG A 205 3.87 32.33 -22.81
C ARG A 205 4.48 33.03 -24.01
N ILE A 206 5.63 33.66 -23.78
CA ILE A 206 6.35 34.31 -24.86
C ILE A 206 6.41 33.44 -26.11
N TYR A 207 6.82 32.20 -25.95
CA TYR A 207 6.89 31.27 -27.06
C TYR A 207 5.52 31.07 -27.70
N MET A 208 4.50 31.01 -26.84
CA MET A 208 3.15 30.78 -27.33
C MET A 208 2.65 31.97 -28.12
N GLU A 209 2.85 33.18 -27.58
CA GLU A 209 2.51 34.40 -28.29
C GLU A 209 3.19 34.45 -29.66
N GLN A 210 4.35 33.83 -29.78
CA GLN A 210 5.05 33.80 -31.07
C GLN A 210 4.62 32.65 -31.95
N GLY A 211 3.64 31.88 -31.48
CA GLY A 211 3.18 30.71 -32.22
C GLY A 211 4.28 29.66 -32.36
N ARG A 212 5.16 29.60 -31.37
CA ARG A 212 6.30 28.68 -31.42
C ARG A 212 6.24 27.60 -30.32
N LEU A 213 5.10 27.46 -29.65
CA LEU A 213 4.98 26.57 -28.51
C LEU A 213 4.11 25.35 -28.82
N SER A 214 4.76 24.20 -29.00
CA SER A 214 4.05 22.93 -29.09
C SER A 214 3.72 22.35 -27.71
N VAL A 215 2.72 21.48 -27.65
CA VAL A 215 2.38 20.79 -26.42
C VAL A 215 2.38 19.30 -26.65
N ALA A 216 3.28 18.58 -25.97
CA ALA A 216 3.27 17.12 -25.98
C ALA A 216 2.24 16.65 -24.95
N MET A 217 1.35 15.78 -25.38
CA MET A 217 0.28 15.31 -24.53
C MET A 217 0.62 13.96 -23.91
N MET A 218 0.54 13.88 -22.58
CA MET A 218 0.75 12.61 -21.88
C MET A 218 -0.58 12.17 -21.32
N GLY A 219 -1.28 11.33 -22.08
CA GLY A 219 -2.60 10.87 -21.68
C GLY A 219 -2.56 9.47 -21.11
N ARG A 220 -3.44 8.63 -21.62
CA ARG A 220 -3.59 7.27 -21.12
C ARG A 220 -2.26 6.54 -21.21
N GLY A 221 -1.85 5.91 -20.10
CA GLY A 221 -0.66 5.06 -20.10
C GLY A 221 0.53 5.74 -19.43
N TYR A 222 0.47 7.05 -19.26
CA TYR A 222 1.51 7.85 -18.66
C TYR A 222 1.21 8.14 -17.19
N ALA A 223 2.26 8.12 -16.38
CA ALA A 223 2.15 8.51 -14.99
C ALA A 223 3.03 9.72 -14.76
N TRP A 224 2.55 10.63 -13.94
CA TRP A 224 3.33 11.77 -13.58
C TRP A 224 3.13 12.03 -12.08
N LEU A 225 4.20 11.90 -11.32
CA LEU A 225 4.11 12.15 -9.89
C LEU A 225 4.83 13.45 -9.54
N ASP A 226 4.18 14.26 -8.74
CA ASP A 226 4.90 15.34 -8.11
C ASP A 226 5.07 14.92 -6.66
N THR A 227 6.25 15.17 -6.14
CA THR A 227 6.58 14.67 -4.84
C THR A 227 6.38 15.79 -3.82
N GLY A 228 5.19 16.39 -3.83
CA GLY A 228 4.92 17.52 -2.97
C GLY A 228 5.04 17.18 -1.51
N THR A 229 4.27 16.19 -1.08
CA THR A 229 4.12 15.87 0.31
C THR A 229 4.62 14.47 0.71
N HIS A 230 4.47 14.19 2.00
CA HIS A 230 4.75 12.85 2.52
C HIS A 230 3.86 11.81 1.84
N GLN A 231 2.64 12.23 1.54
CA GLN A 231 1.64 11.37 0.94
C GLN A 231 2.02 10.96 -0.47
N SER A 232 2.39 11.94 -1.28
CA SER A 232 2.71 11.68 -2.66
C SER A 232 4.03 10.94 -2.78
N LEU A 233 4.88 11.15 -1.78
CA LEU A 233 6.18 10.50 -1.76
C LEU A 233 6.02 8.98 -1.56
N ILE A 234 5.12 8.61 -0.68
CA ILE A 234 4.93 7.21 -0.39
C ILE A 234 4.09 6.58 -1.49
N GLU A 235 3.28 7.40 -2.16
CA GLU A 235 2.54 6.92 -3.34
C GLU A 235 3.44 6.65 -4.53
N ALA A 236 4.40 7.53 -4.73
CA ALA A 236 5.37 7.37 -5.79
C ALA A 236 6.18 6.12 -5.54
N SER A 237 6.65 5.94 -4.29
CA SER A 237 7.47 4.77 -3.94
C SER A 237 6.69 3.47 -4.17
N ASN A 238 5.40 3.48 -3.79
CA ASN A 238 4.54 2.33 -4.00
C ASN A 238 4.29 2.03 -5.45
N PHE A 239 4.08 3.07 -6.23
CA PHE A 239 3.98 2.91 -7.66
C PHE A 239 5.24 2.28 -8.29
N ILE A 240 6.43 2.82 -8.02
CA ILE A 240 7.66 2.24 -8.55
C ILE A 240 7.88 0.79 -8.10
N ALA A 241 7.69 0.53 -6.80
CA ALA A 241 7.86 -0.83 -6.26
C ALA A 241 6.89 -1.80 -6.92
N THR A 242 5.66 -1.35 -7.14
CA THR A 242 4.64 -2.18 -7.77
C THR A 242 4.95 -2.49 -9.24
N ILE A 243 5.25 -1.47 -10.03
CA ILE A 243 5.58 -1.68 -11.43
C ILE A 243 6.77 -2.61 -11.56
N GLU A 244 7.80 -2.34 -10.77
CA GLU A 244 9.04 -3.11 -10.88
C GLU A 244 8.81 -4.59 -10.55
N GLU A 245 8.13 -4.83 -9.45
CA GLU A 245 7.97 -6.18 -8.96
C GLU A 245 7.00 -7.00 -9.83
N ARG A 246 5.92 -6.39 -10.30
CA ARG A 246 4.90 -7.10 -11.06
C ARG A 246 5.20 -7.22 -12.54
N GLN A 247 5.98 -6.30 -13.09
CA GLN A 247 6.24 -6.33 -14.51
C GLN A 247 7.70 -6.55 -14.87
N GLY A 248 8.52 -6.90 -13.87
CA GLY A 248 9.91 -7.25 -14.08
C GLY A 248 10.77 -6.26 -14.86
N LEU A 249 10.49 -4.98 -14.67
CA LEU A 249 11.37 -3.94 -15.24
C LEU A 249 11.72 -2.86 -14.20
N LYS A 250 12.83 -2.17 -14.40
CA LYS A 250 13.14 -1.07 -13.50
C LYS A 250 12.77 0.26 -14.14
N VAL A 251 12.28 1.18 -13.32
CA VAL A 251 11.93 2.50 -13.81
C VAL A 251 13.08 3.45 -13.47
N SER A 252 13.59 4.14 -14.48
CA SER A 252 14.61 5.18 -14.27
C SER A 252 15.84 4.63 -13.61
N CYS A 253 16.30 3.48 -14.08
CA CYS A 253 17.58 2.94 -13.63
C CYS A 253 18.66 3.40 -14.63
N PRO A 254 19.50 4.35 -14.21
CA PRO A 254 20.47 4.96 -15.13
C PRO A 254 21.45 3.95 -15.72
N GLU A 255 21.82 2.92 -14.96
CA GLU A 255 22.75 1.92 -15.47
C GLU A 255 22.13 1.13 -16.62
N GLU A 256 20.88 0.72 -16.43
CA GLU A 256 20.15 0.06 -17.47
C GLU A 256 20.00 0.96 -18.70
N ILE A 257 19.62 2.23 -18.49
CA ILE A 257 19.41 3.10 -19.63
C ILE A 257 20.72 3.36 -20.36
N ALA A 258 21.80 3.56 -19.60
CA ALA A 258 23.09 3.80 -20.20
C ALA A 258 23.56 2.58 -21.02
N PHE A 259 23.23 1.38 -20.56
CA PHE A 259 23.56 0.17 -21.29
C PHE A 259 22.72 0.00 -22.55
N ARG A 260 21.41 0.15 -22.43
CA ARG A 260 20.50 0.00 -23.57
C ARG A 260 20.73 1.02 -24.70
N LYS A 261 21.27 2.18 -24.37
CA LYS A 261 21.52 3.21 -25.36
C LYS A 261 23.00 3.25 -25.73
N ASN A 262 23.74 2.24 -25.28
CA ASN A 262 25.16 2.11 -25.62
C ASN A 262 26.03 3.26 -25.16
N PHE A 263 25.69 3.88 -24.03
CA PHE A 263 26.55 4.89 -23.42
C PHE A 263 27.70 4.13 -22.76
N ILE A 264 27.43 2.88 -22.37
CA ILE A 264 28.42 2.06 -21.68
C ILE A 264 28.22 0.62 -22.11
N ASN A 265 29.23 -0.24 -21.87
CA ASN A 265 29.14 -1.65 -22.30
C ASN A 265 28.94 -2.58 -21.11
N ALA A 266 28.88 -3.89 -21.38
CA ALA A 266 28.55 -4.88 -20.35
C ALA A 266 29.58 -4.92 -19.23
N GLN A 267 30.85 -4.73 -19.59
CA GLN A 267 31.93 -4.76 -18.61
C GLN A 267 31.82 -3.63 -17.60
N GLN A 268 31.37 -2.47 -18.08
CA GLN A 268 31.21 -1.31 -17.22
C GLN A 268 30.00 -1.52 -16.32
N VAL A 269 28.94 -2.08 -16.88
CA VAL A 269 27.77 -2.46 -16.10
C VAL A 269 28.17 -3.36 -14.92
N ILE A 270 28.96 -4.39 -15.21
CA ILE A 270 29.39 -5.33 -14.17
C ILE A 270 30.20 -4.65 -13.05
N GLU A 271 31.10 -3.75 -13.41
CA GLU A 271 31.82 -2.98 -12.39
C GLU A 271 30.91 -2.12 -11.49
N LEU A 272 29.93 -1.48 -12.12
CA LEU A 272 28.95 -0.68 -11.39
C LEU A 272 28.05 -1.56 -10.54
N ALA A 273 27.73 -2.76 -11.03
CA ALA A 273 26.86 -3.67 -10.29
C ALA A 273 27.52 -4.25 -9.03
N GLY A 274 28.82 -4.07 -8.90
CA GLY A 274 29.56 -4.66 -7.79
C GLY A 274 29.13 -4.17 -6.43
N PRO A 275 29.17 -2.85 -6.24
CA PRO A 275 28.77 -2.27 -4.95
C PRO A 275 27.28 -2.46 -4.67
N LEU A 276 26.49 -2.86 -5.66
CA LEU A 276 25.06 -3.04 -5.51
C LEU A 276 24.69 -4.52 -5.41
N SER A 277 25.68 -5.38 -5.19
CA SER A 277 25.46 -6.81 -5.31
C SER A 277 24.83 -7.42 -4.05
N LYS A 278 24.65 -6.60 -3.03
CA LYS A 278 23.97 -7.04 -1.83
C LYS A 278 22.47 -6.86 -1.90
N ASN A 279 21.97 -6.31 -3.01
CA ASN A 279 20.51 -6.17 -3.16
C ASN A 279 20.02 -6.53 -4.57
N ASP A 280 18.71 -6.47 -4.78
CA ASP A 280 18.13 -6.78 -6.09
C ASP A 280 18.54 -5.85 -7.21
N TYR A 281 18.96 -4.64 -6.86
CA TYR A 281 19.34 -3.64 -7.85
C TYR A 281 20.61 -4.13 -8.56
N GLY A 282 21.61 -4.56 -7.80
CA GLY A 282 22.82 -5.10 -8.41
C GLY A 282 22.56 -6.38 -9.17
N LYS A 283 21.69 -7.23 -8.64
CA LYS A 283 21.40 -8.48 -9.29
C LYS A 283 20.66 -8.30 -10.59
N TYR A 284 19.75 -7.33 -10.63
CA TYR A 284 19.02 -7.03 -11.84
C TYR A 284 19.97 -6.64 -12.95
N LEU A 285 21.01 -5.89 -12.60
CA LEU A 285 21.94 -5.40 -13.59
C LEU A 285 22.77 -6.55 -14.18
N LEU A 286 23.06 -7.54 -13.35
CA LEU A 286 23.82 -8.71 -13.79
C LEU A 286 22.95 -9.60 -14.67
N LYS A 287 21.75 -9.93 -14.22
CA LYS A 287 20.78 -10.60 -15.06
C LYS A 287 20.68 -9.93 -16.43
N MET A 288 20.57 -8.60 -16.42
CA MET A 288 20.34 -7.84 -17.64
C MET A 288 21.45 -8.05 -18.66
N VAL A 289 22.66 -8.19 -18.15
CA VAL A 289 23.85 -8.20 -18.97
C VAL A 289 24.26 -9.64 -19.36
N LYS A 290 23.31 -10.58 -19.30
CA LYS A 290 23.54 -11.97 -19.72
C LYS A 290 22.39 -12.51 -20.58
N MET B 1 23.85 10.89 41.40
CA MET B 1 22.44 10.58 41.30
C MET B 1 22.22 9.56 40.20
N LYS B 2 21.01 9.05 40.09
CA LYS B 2 20.72 7.99 39.12
C LYS B 2 19.98 8.56 37.92
N THR B 3 20.64 8.52 36.78
CA THR B 3 20.15 9.17 35.56
C THR B 3 19.80 8.08 34.55
N ARG B 4 18.56 8.10 34.07
CA ARG B 4 18.14 7.24 32.97
C ARG B 4 18.90 7.63 31.68
N LYS B 5 19.76 6.76 31.20
CA LYS B 5 20.63 7.07 30.07
C LYS B 5 20.46 6.03 28.98
N GLY B 6 20.74 6.43 27.75
CA GLY B 6 20.64 5.52 26.63
C GLY B 6 21.59 5.92 25.51
N ILE B 7 21.94 4.93 24.71
CA ILE B 7 22.79 5.09 23.56
C ILE B 7 22.08 4.67 22.28
N ILE B 8 22.17 5.50 21.26
CA ILE B 8 21.68 5.14 19.94
C ILE B 8 22.84 4.89 18.98
N LEU B 9 22.90 3.69 18.41
CA LEU B 9 23.91 3.39 17.39
C LEU B 9 23.40 3.76 16.02
N ALA B 10 23.98 4.81 15.44
CA ALA B 10 23.44 5.39 14.22
C ALA B 10 24.50 5.58 13.18
N GLY B 11 25.44 4.65 13.12
CA GLY B 11 26.43 4.69 12.05
C GLY B 11 26.16 3.58 11.07
N GLY B 12 27.23 2.95 10.62
CA GLY B 12 27.12 1.83 9.71
C GLY B 12 27.11 2.33 8.30
N SER B 13 27.09 1.41 7.34
CA SER B 13 27.19 1.79 5.94
C SER B 13 25.86 1.71 5.22
N GLY B 14 24.99 0.82 5.68
CA GLY B 14 23.72 0.60 5.01
C GLY B 14 23.96 0.24 3.53
N THR B 15 24.89 -0.69 3.30
CA THR B 15 25.36 -1.06 1.95
C THR B 15 24.34 -1.85 1.16
N ARG B 16 23.55 -2.65 1.86
CA ARG B 16 22.36 -3.28 1.32
C ARG B 16 21.43 -2.24 0.72
N LEU B 17 21.52 -1.00 1.19
CA LEU B 17 20.60 0.05 0.72
C LEU B 17 21.11 0.94 -0.42
N TYR B 18 22.29 0.65 -0.95
CA TYR B 18 22.77 1.34 -2.13
C TYR B 18 21.74 1.22 -3.24
N PRO B 19 21.58 2.26 -4.07
CA PRO B 19 22.34 3.51 -3.96
C PRO B 19 21.70 4.58 -3.05
N VAL B 20 20.59 4.34 -2.38
CA VAL B 20 19.97 5.41 -1.57
C VAL B 20 20.79 5.83 -0.34
N THR B 21 21.77 5.02 0.05
CA THR B 21 22.64 5.37 1.17
C THR B 21 24.03 5.78 0.72
N MET B 22 24.22 6.00 -0.57
CA MET B 22 25.50 6.47 -1.04
C MET B 22 25.82 7.88 -0.53
N ALA B 23 24.81 8.73 -0.41
CA ALA B 23 25.02 10.12 -0.04
C ALA B 23 24.15 10.52 1.14
N VAL B 24 23.39 9.58 1.67
CA VAL B 24 22.49 9.81 2.80
C VAL B 24 22.66 8.69 3.82
N SER B 25 22.82 9.05 5.09
CA SER B 25 22.87 8.07 6.13
C SER B 25 21.54 7.30 6.19
N LYS B 26 21.66 5.99 6.33
CA LYS B 26 20.50 5.11 6.56
C LYS B 26 19.51 5.67 7.58
N GLN B 27 20.03 6.18 8.69
CA GLN B 27 19.18 6.66 9.79
C GLN B 27 18.57 8.04 9.58
N LEU B 28 18.85 8.63 8.44
CA LEU B 28 18.15 9.83 8.04
C LEU B 28 17.13 9.55 6.91
N LEU B 29 17.06 8.30 6.42
CA LEU B 29 16.06 7.96 5.42
C LEU B 29 14.66 8.13 6.04
N PRO B 30 13.71 8.64 5.27
CA PRO B 30 12.33 8.76 5.78
C PRO B 30 11.64 7.43 6.03
N ILE B 31 11.00 7.29 7.19
CA ILE B 31 10.04 6.21 7.35
C ILE B 31 8.71 6.93 7.39
N TYR B 32 8.07 6.94 6.24
CA TYR B 32 6.93 7.82 6.00
C TYR B 32 7.31 9.29 6.27
N ASP B 33 6.79 9.90 7.32
CA ASP B 33 6.98 11.36 7.47
C ASP B 33 8.08 11.81 8.43
N LYS B 34 8.91 10.87 8.88
CA LYS B 34 9.94 11.10 9.91
C LYS B 34 11.25 10.44 9.49
N PRO B 35 12.38 11.09 9.80
CA PRO B 35 13.69 10.44 9.65
C PRO B 35 13.74 9.19 10.54
N MET B 36 14.33 8.13 10.01
CA MET B 36 14.41 6.86 10.67
C MET B 36 14.78 6.94 12.14
N ILE B 37 15.71 7.83 12.46
CA ILE B 37 16.22 7.94 13.82
C ILE B 37 15.19 8.42 14.86
N TYR B 38 14.13 9.10 14.41
CA TYR B 38 13.04 9.50 15.30
C TYR B 38 12.45 8.28 16.01
N TYR B 39 12.39 7.14 15.34
CA TYR B 39 11.78 5.97 15.94
C TYR B 39 12.56 5.37 17.13
N PRO B 40 13.81 4.93 16.93
CA PRO B 40 14.52 4.42 18.11
C PRO B 40 14.63 5.47 19.22
N LEU B 41 14.77 6.75 18.82
CA LEU B 41 14.80 7.85 19.77
C LEU B 41 13.53 7.93 20.61
N SER B 42 12.37 7.84 19.95
CA SER B 42 11.10 7.86 20.62
C SER B 42 10.99 6.68 21.56
N THR B 43 11.48 5.53 21.12
CA THR B 43 11.47 4.37 22.00
C THR B 43 12.16 4.68 23.33
N LEU B 44 13.35 5.29 23.26
CA LEU B 44 14.06 5.72 24.44
C LEU B 44 13.25 6.73 25.29
N MET B 45 12.66 7.75 24.63
CA MET B 45 11.84 8.72 25.32
C MET B 45 10.72 8.06 26.08
N LEU B 46 10.10 7.05 25.46
CA LEU B 46 8.95 6.37 26.06
C LEU B 46 9.32 5.59 27.31
N ALA B 47 10.60 5.32 27.49
CA ALA B 47 11.07 4.59 28.64
C ALA B 47 11.57 5.58 29.67
N GLY B 48 11.30 6.86 29.44
CA GLY B 48 11.71 7.91 30.36
C GLY B 48 13.14 8.35 30.23
N ILE B 49 13.83 7.85 29.23
CA ILE B 49 15.23 8.19 29.10
C ILE B 49 15.37 9.54 28.42
N ARG B 50 16.11 10.46 29.04
CA ARG B 50 16.22 11.82 28.55
C ARG B 50 17.65 12.27 28.26
N ASP B 51 18.62 11.49 28.70
CA ASP B 51 20.02 11.75 28.41
C ASP B 51 20.49 10.67 27.48
N ILE B 52 20.84 11.08 26.27
CA ILE B 52 21.05 10.12 25.20
C ILE B 52 22.31 10.42 24.41
N LEU B 53 23.13 9.39 24.24
CA LEU B 53 24.33 9.50 23.44
C LEU B 53 24.09 8.89 22.07
N ILE B 54 24.36 9.67 21.04
CA ILE B 54 24.18 9.23 19.68
C ILE B 54 25.58 9.01 19.11
N ILE B 55 25.90 7.77 18.78
CA ILE B 55 27.16 7.41 18.16
C ILE B 55 26.99 7.20 16.64
N SER B 56 27.79 7.89 15.85
CA SER B 56 27.66 7.81 14.40
C SER B 56 29.01 7.97 13.68
N THR B 57 28.95 8.08 12.36
CA THR B 57 30.15 8.26 11.55
C THR B 57 30.61 9.71 11.56
N PRO B 58 31.87 9.94 11.20
CA PRO B 58 32.41 11.29 11.05
C PRO B 58 31.58 12.10 10.08
N GLN B 59 31.22 11.47 8.98
CA GLN B 59 30.51 12.17 7.91
C GLN B 59 29.05 12.50 8.24
N ASP B 60 28.38 11.61 8.97
CA ASP B 60 26.94 11.75 9.22
C ASP B 60 26.61 12.46 10.53
N THR B 61 27.48 12.33 11.52
CA THR B 61 27.26 12.93 12.84
C THR B 61 26.80 14.40 12.77
N PRO B 62 27.44 15.20 11.89
CA PRO B 62 26.99 16.60 11.67
C PRO B 62 25.56 16.69 11.12
N ARG B 63 25.18 15.75 10.26
CA ARG B 63 23.82 15.73 9.72
C ARG B 63 22.78 15.46 10.83
N PHE B 64 23.06 14.51 11.71
CA PHE B 64 22.22 14.31 12.91
C PHE B 64 22.11 15.54 13.81
N GLN B 65 23.23 16.25 14.01
CA GLN B 65 23.23 17.43 14.86
C GLN B 65 22.38 18.51 14.20
N GLN B 66 22.49 18.64 12.89
CA GLN B 66 21.68 19.61 12.21
C GLN B 66 20.19 19.27 12.38
N LEU B 67 19.87 18.00 12.37
CA LEU B 67 18.48 17.59 12.51
C LEU B 67 17.97 17.68 13.94
N LEU B 68 18.78 17.22 14.88
CA LEU B 68 18.33 17.03 16.25
C LEU B 68 18.81 18.07 17.25
N GLY B 69 19.95 18.68 16.98
CA GLY B 69 20.54 19.61 17.92
C GLY B 69 20.96 18.94 19.21
N ASP B 70 20.82 19.65 20.32
CA ASP B 70 21.12 19.08 21.62
C ASP B 70 19.87 18.49 22.27
N GLY B 71 18.77 18.52 21.55
CA GLY B 71 17.55 17.87 21.99
C GLY B 71 16.80 18.66 23.03
N SER B 72 17.31 19.81 23.40
CA SER B 72 16.64 20.65 24.42
C SER B 72 15.24 21.10 23.99
N GLN B 73 15.02 21.19 22.68
CA GLN B 73 13.71 21.57 22.17
C GLN B 73 12.62 20.56 22.59
N TRP B 74 13.06 19.35 22.94
CA TRP B 74 12.14 18.28 23.33
C TRP B 74 12.32 17.89 24.80
N GLY B 75 13.11 18.66 25.53
CA GLY B 75 13.32 18.38 26.94
C GLY B 75 14.35 17.30 27.15
N LEU B 76 15.31 17.20 26.23
CA LEU B 76 16.31 16.13 26.27
C LEU B 76 17.71 16.71 26.34
N ASN B 77 18.65 15.86 26.71
CA ASN B 77 20.04 16.18 26.56
C ASN B 77 20.67 15.18 25.57
N LEU B 78 20.99 15.64 24.36
CA LEU B 78 21.62 14.79 23.35
C LEU B 78 23.08 15.14 23.22
N GLN B 79 23.92 14.11 23.20
CA GLN B 79 25.36 14.27 23.05
C GLN B 79 25.75 13.39 21.89
N TYR B 80 26.92 13.65 21.31
CA TYR B 80 27.34 12.95 20.10
C TYR B 80 28.77 12.48 20.24
N LYS B 81 29.04 11.31 19.67
CA LYS B 81 30.39 10.76 19.61
C LYS B 81 30.60 10.11 18.26
N VAL B 82 31.71 10.44 17.60
CA VAL B 82 31.97 9.85 16.29
C VAL B 82 33.00 8.73 16.38
N ASP B 83 32.63 7.55 15.88
CA ASP B 83 33.54 6.41 15.89
C ASP B 83 34.00 6.10 14.46
N PRO B 84 35.26 5.72 14.33
CA PRO B 84 35.89 5.35 13.04
C PRO B 84 35.35 4.04 12.48
N SER B 85 34.14 3.63 12.89
N SER B 85 34.13 3.66 12.86
CA SER B 85 33.56 2.36 12.47
CA SER B 85 33.61 2.32 12.59
C SER B 85 34.40 1.13 12.82
C SER B 85 34.13 1.40 13.67
N PRO B 86 35.09 1.14 13.97
N PRO B 86 33.56 0.19 13.76
CA PRO B 86 35.87 -0.04 14.35
CA PRO B 86 33.84 -0.69 14.89
C PRO B 86 34.95 -1.19 14.70
C PRO B 86 35.30 -1.22 14.86
N ASP B 87 35.44 -2.41 14.52
N ASP B 87 35.61 -2.52 14.81
CA ASP B 87 34.62 -3.60 14.74
CA ASP B 87 34.67 -3.64 14.79
C ASP B 87 33.99 -3.67 16.13
C ASP B 87 34.01 -3.81 16.16
N GLY B 88 32.68 -3.94 16.15
CA GLY B 88 31.98 -4.15 17.40
C GLY B 88 30.89 -3.18 17.74
N LEU B 89 29.69 -3.71 17.86
CA LEU B 89 28.57 -2.97 18.42
C LEU B 89 28.72 -2.80 19.93
N ALA B 90 29.36 -3.76 20.59
CA ALA B 90 29.57 -3.66 22.04
C ALA B 90 30.56 -2.56 22.37
N GLN B 91 31.23 -2.04 21.34
CA GLN B 91 32.16 -0.95 21.51
C GLN B 91 31.41 0.31 21.96
N ALA B 92 30.09 0.23 21.98
CA ALA B 92 29.27 1.38 22.37
C ALA B 92 29.53 1.75 23.83
N PHE B 93 29.70 0.73 24.66
CA PHE B 93 29.92 0.93 26.07
C PHE B 93 31.32 1.41 26.36
N ILE B 94 32.23 1.22 25.40
CA ILE B 94 33.58 1.73 25.56
C ILE B 94 33.61 3.20 25.12
N ILE B 95 33.12 3.47 23.92
CA ILE B 95 32.99 4.85 23.44
C ILE B 95 32.18 5.70 24.43
N GLY B 96 31.20 5.10 25.09
CA GLY B 96 30.30 5.85 25.94
C GLY B 96 30.55 5.67 27.43
N GLU B 97 31.74 5.23 27.78
CA GLU B 97 32.07 4.98 29.18
C GLU B 97 31.93 6.23 30.02
N GLU B 98 32.47 7.33 29.51
CA GLU B 98 32.37 8.60 30.21
C GLU B 98 30.93 9.07 30.35
N PHE B 99 30.19 9.04 29.24
CA PHE B 99 28.78 9.40 29.22
C PHE B 99 27.95 8.59 30.24
N ILE B 100 28.21 7.29 30.28
CA ILE B 100 27.48 6.39 31.17
C ILE B 100 27.81 6.60 32.64
N GLY B 101 29.09 6.74 32.95
CA GLY B 101 29.53 6.92 34.32
C GLY B 101 29.14 5.76 35.21
N HIS B 102 28.35 6.05 36.24
CA HIS B 102 27.95 5.07 37.24
C HIS B 102 26.50 4.60 37.04
N ASP B 103 25.86 5.10 35.98
CA ASP B 103 24.45 4.82 35.78
C ASP B 103 24.17 3.55 34.99
N ASP B 104 22.94 3.08 35.07
CA ASP B 104 22.47 2.05 34.17
C ASP B 104 22.38 2.64 32.77
N CYS B 105 22.18 1.80 31.76
CA CYS B 105 22.18 2.28 30.39
C CYS B 105 21.37 1.40 29.44
N ALA B 106 20.56 2.04 28.60
CA ALA B 106 19.84 1.36 27.54
C ALA B 106 20.60 1.55 26.21
N LEU B 107 20.48 0.57 25.33
CA LEU B 107 21.12 0.63 24.02
C LEU B 107 20.11 0.26 22.95
N VAL B 108 20.00 1.09 21.92
CA VAL B 108 19.09 0.83 20.82
C VAL B 108 19.76 1.07 19.46
N LEU B 109 19.53 0.19 18.50
CA LEU B 109 20.05 0.35 17.13
C LEU B 109 19.24 1.41 16.36
N GLY B 110 19.94 2.28 15.65
CA GLY B 110 19.28 3.41 15.01
C GLY B 110 18.29 3.05 13.92
N ASP B 111 18.30 1.80 13.46
CA ASP B 111 17.35 1.35 12.45
C ASP B 111 16.28 0.38 13.00
N ASN B 112 16.14 0.35 14.31
CA ASN B 112 15.10 -0.48 14.90
C ASN B 112 13.82 0.27 15.16
N ILE B 113 12.73 -0.28 14.68
CA ILE B 113 11.45 0.38 14.82
C ILE B 113 10.52 -0.50 15.63
N PHE B 114 10.16 -0.04 16.82
CA PHE B 114 9.26 -0.79 17.69
C PHE B 114 7.89 -0.12 17.76
N TYR B 115 6.83 -0.91 17.75
CA TYR B 115 5.49 -0.37 17.96
C TYR B 115 4.65 -1.30 18.83
N GLY B 116 3.96 -0.73 19.81
CA GLY B 116 3.10 -1.53 20.68
C GLY B 116 2.55 -0.69 21.83
N HIS B 117 1.24 -0.76 22.01
CA HIS B 117 0.57 -0.02 23.08
C HIS B 117 1.30 -0.23 24.42
N ASP B 118 1.69 -1.47 24.69
CA ASP B 118 2.25 -1.80 26.01
C ASP B 118 3.77 -1.75 26.11
N LEU B 119 4.45 -1.32 25.05
CA LEU B 119 5.90 -1.27 25.08
C LEU B 119 6.41 -0.50 26.30
N PRO B 120 5.85 0.69 26.57
CA PRO B 120 6.29 1.47 27.75
C PRO B 120 6.26 0.68 29.07
N LYS B 121 5.22 -0.10 29.31
CA LYS B 121 5.18 -0.92 30.52
C LYS B 121 6.32 -1.95 30.52
N LEU B 122 6.54 -2.59 29.37
CA LEU B 122 7.65 -3.54 29.25
C LEU B 122 8.95 -2.87 29.60
N MET B 123 9.12 -1.65 29.10
CA MET B 123 10.37 -0.93 29.31
C MET B 123 10.54 -0.42 30.75
N GLU B 124 9.42 -0.11 31.39
CA GLU B 124 9.45 0.32 32.79
C GLU B 124 10.05 -0.80 33.63
N ALA B 125 9.50 -2.00 33.44
CA ALA B 125 9.99 -3.18 34.11
C ALA B 125 11.50 -3.37 33.94
N ALA B 126 12.00 -3.15 32.72
CA ALA B 126 13.42 -3.37 32.44
C ALA B 126 14.29 -2.28 33.11
N VAL B 127 13.78 -1.05 33.14
CA VAL B 127 14.47 0.03 33.83
C VAL B 127 14.48 -0.22 35.33
N ASN B 128 13.37 -0.75 35.85
CA ASN B 128 13.21 -0.98 37.29
C ASN B 128 13.83 -2.28 37.79
N LYS B 129 14.63 -2.92 36.95
CA LYS B 129 15.33 -4.13 37.34
C LYS B 129 16.59 -3.75 38.12
N GLU B 130 16.76 -4.26 39.32
CA GLU B 130 17.81 -3.72 40.17
C GLU B 130 19.20 -4.06 39.68
N SER B 131 19.32 -5.24 39.08
CA SER B 131 20.58 -5.63 38.47
C SER B 131 20.35 -6.51 37.24
N GLY B 132 21.43 -6.76 36.50
CA GLY B 132 21.37 -7.55 35.30
C GLY B 132 20.95 -6.77 34.06
N ALA B 133 20.45 -7.51 33.08
CA ALA B 133 20.12 -6.98 31.75
C ALA B 133 18.77 -7.49 31.26
N THR B 134 18.15 -6.73 30.37
CA THR B 134 16.91 -7.15 29.73
C THR B 134 17.06 -7.04 28.23
N VAL B 135 16.78 -8.14 27.55
CA VAL B 135 16.71 -8.14 26.10
C VAL B 135 15.26 -8.25 25.69
N PHE B 136 14.96 -7.80 24.47
CA PHE B 136 13.60 -7.82 23.97
C PHE B 136 13.51 -8.83 22.85
N ALA B 137 12.61 -9.79 23.00
CA ALA B 137 12.45 -10.86 22.01
C ALA B 137 11.17 -10.66 21.22
N TYR B 138 11.24 -11.03 19.95
CA TYR B 138 10.11 -10.90 19.06
C TYR B 138 9.94 -12.20 18.28
N HIS B 139 8.73 -12.73 18.31
CA HIS B 139 8.41 -13.94 17.58
C HIS B 139 8.58 -13.70 16.10
N VAL B 140 9.52 -14.42 15.48
CA VAL B 140 9.64 -14.37 14.05
C VAL B 140 9.21 -15.74 13.45
N ASN B 141 9.27 -15.84 12.12
CA ASN B 141 8.95 -17.08 11.43
C ASN B 141 10.19 -17.69 10.81
N ASP B 142 11.27 -16.91 10.80
CA ASP B 142 12.54 -17.39 10.27
C ASP B 142 13.71 -17.22 11.27
N PRO B 143 13.55 -17.79 12.48
CA PRO B 143 14.59 -17.62 13.52
C PRO B 143 16.00 -17.78 12.99
N GLU B 144 16.21 -18.54 11.92
CA GLU B 144 17.55 -18.81 11.40
C GLU B 144 18.32 -17.57 10.94
N ARG B 145 17.63 -16.45 10.75
CA ARG B 145 18.26 -15.23 10.25
C ARG B 145 18.66 -14.26 11.37
N TYR B 146 18.15 -14.53 12.57
CA TYR B 146 18.29 -13.61 13.70
C TYR B 146 18.98 -14.27 14.87
N GLY B 147 19.54 -13.45 15.76
CA GLY B 147 19.98 -13.94 17.05
C GLY B 147 18.78 -14.52 17.77
N VAL B 148 18.87 -15.78 18.19
CA VAL B 148 17.74 -16.43 18.85
C VAL B 148 17.98 -16.63 20.33
N VAL B 149 16.93 -16.43 21.12
CA VAL B 149 16.98 -16.61 22.56
C VAL B 149 15.92 -17.64 22.95
N GLU B 150 16.29 -18.55 23.85
CA GLU B 150 15.36 -19.51 24.41
C GLU B 150 15.27 -19.24 25.89
N PHE B 151 14.08 -18.96 26.41
CA PHE B 151 13.98 -18.52 27.79
C PHE B 151 13.08 -19.35 28.69
N ASP B 152 13.23 -19.15 30.00
CA ASP B 152 12.45 -19.84 31.01
C ASP B 152 11.08 -19.21 31.17
N GLN B 153 10.30 -19.70 32.11
CA GLN B 153 9.00 -19.10 32.39
C GLN B 153 9.13 -17.84 33.23
N LYS B 154 10.10 -17.82 34.15
CA LYS B 154 10.32 -16.66 35.00
C LYS B 154 10.74 -15.47 34.15
N GLY B 155 11.19 -15.77 32.94
CA GLY B 155 11.61 -14.75 32.00
C GLY B 155 13.11 -14.78 31.82
N THR B 156 13.75 -15.75 32.46
CA THR B 156 15.21 -15.85 32.45
C THR B 156 15.72 -16.63 31.24
N ALA B 157 16.72 -16.07 30.55
CA ALA B 157 17.26 -16.69 29.34
C ALA B 157 17.94 -18.04 29.59
N VAL B 158 17.78 -18.96 28.65
CA VAL B 158 18.37 -20.30 28.75
C VAL B 158 19.51 -20.50 27.74
N SER B 159 19.37 -19.91 26.56
CA SER B 159 20.30 -20.14 25.47
C SER B 159 20.36 -18.92 24.54
N LEU B 160 21.45 -18.78 23.79
CA LEU B 160 21.65 -17.63 22.90
C LEU B 160 22.50 -17.99 21.69
N GLU B 161 21.87 -18.14 20.54
CA GLU B 161 22.56 -18.63 19.36
C GLU B 161 22.50 -17.64 18.20
N GLU B 162 23.60 -16.92 17.98
CA GLU B 162 23.70 -15.95 16.89
C GLU B 162 23.54 -16.59 15.51
N LYS B 163 22.31 -16.62 15.01
CA LYS B 163 22.01 -17.19 13.70
C LYS B 163 22.12 -18.71 13.70
N PRO B 164 21.22 -19.38 14.44
CA PRO B 164 21.25 -20.84 14.61
C PRO B 164 20.86 -21.56 13.32
N PRO B 167 17.61 -23.65 15.50
CA PRO B 167 16.82 -22.68 16.27
C PRO B 167 16.06 -23.34 17.43
N LYS B 168 16.38 -22.93 18.65
CA LYS B 168 15.74 -23.49 19.84
C LYS B 168 14.49 -22.70 20.20
N TYR B 171 11.94 -16.97 18.73
CA TYR B 171 12.10 -15.62 19.26
C TYR B 171 13.42 -14.96 18.92
N ALA B 172 13.37 -13.90 18.12
CA ALA B 172 14.58 -13.17 17.76
C ALA B 172 14.90 -12.11 18.80
N VAL B 173 16.18 -11.89 19.03
CA VAL B 173 16.60 -10.82 19.93
C VAL B 173 16.57 -9.53 19.12
N THR B 174 15.89 -8.51 19.63
CA THR B 174 15.79 -7.25 18.93
C THR B 174 16.91 -6.29 19.30
N GLY B 175 16.96 -5.15 18.61
CA GLY B 175 18.01 -4.17 18.81
C GLY B 175 17.72 -3.21 19.94
N LEU B 176 17.02 -3.67 20.98
CA LEU B 176 16.76 -2.85 22.17
C LEU B 176 17.27 -3.56 23.45
N TYR B 177 18.22 -2.95 24.16
CA TYR B 177 18.76 -3.63 25.33
C TYR B 177 18.80 -2.72 26.54
N PHE B 178 18.58 -3.29 27.73
CA PHE B 178 18.76 -2.55 28.99
C PHE B 178 19.84 -3.16 29.87
N TYR B 179 20.85 -2.37 30.23
CA TYR B 179 21.93 -2.85 31.08
C TYR B 179 22.05 -2.09 32.37
N ASP B 180 22.54 -2.78 33.40
CA ASP B 180 23.04 -2.09 34.60
C ASP B 180 24.49 -1.65 34.37
N ASN B 181 25.03 -0.85 35.29
CA ASN B 181 26.34 -0.23 35.12
C ASN B 181 27.47 -1.22 34.83
N SER B 182 27.33 -2.45 35.30
CA SER B 182 28.37 -3.46 35.12
C SER B 182 28.72 -3.80 33.67
N VAL B 183 27.91 -3.30 32.73
CA VAL B 183 28.14 -3.60 31.32
C VAL B 183 29.42 -2.96 30.79
N VAL B 184 29.78 -1.79 31.34
CA VAL B 184 30.95 -1.05 30.87
C VAL B 184 32.21 -1.87 31.11
N GLU B 185 32.27 -2.51 32.27
CA GLU B 185 33.42 -3.34 32.61
C GLU B 185 33.38 -4.62 31.78
N MET B 186 32.20 -5.21 31.60
CA MET B 186 32.08 -6.36 30.71
C MET B 186 32.62 -6.05 29.33
N ALA B 187 32.17 -4.93 28.76
CA ALA B 187 32.62 -4.53 27.45
C ALA B 187 34.14 -4.36 27.40
N LYS B 188 34.70 -3.71 28.41
CA LYS B 188 36.14 -3.46 28.45
C LYS B 188 37.00 -4.73 28.56
N ASN B 189 36.50 -5.75 29.25
CA ASN B 189 37.20 -7.02 29.37
C ASN B 189 36.74 -8.09 28.36
N LEU B 190 36.03 -7.66 27.32
CA LEU B 190 35.47 -8.59 26.36
C LEU B 190 36.48 -8.92 25.27
N LYS B 191 36.58 -10.20 24.93
CA LYS B 191 37.43 -10.64 23.83
C LYS B 191 36.72 -10.51 22.49
N PRO B 192 37.41 -9.97 21.48
CA PRO B 192 36.82 -9.89 20.15
C PRO B 192 36.41 -11.26 19.66
N SER B 193 35.31 -11.33 18.92
CA SER B 193 34.85 -12.58 18.37
C SER B 193 35.72 -12.98 17.18
N ALA B 194 35.37 -14.10 16.57
CA ALA B 194 36.09 -14.62 15.43
C ALA B 194 36.18 -13.58 14.34
N ARG B 195 35.15 -12.78 14.16
CA ARG B 195 35.27 -11.78 13.12
C ARG B 195 35.94 -10.50 13.64
N GLY B 196 36.56 -10.58 14.81
CA GLY B 196 37.34 -9.48 15.36
C GLY B 196 36.50 -8.35 15.92
N GLU B 197 35.26 -8.66 16.24
CA GLU B 197 34.28 -7.66 16.68
C GLU B 197 33.88 -7.84 18.15
N LEU B 198 33.74 -6.74 18.87
CA LEU B 198 33.12 -6.83 20.20
C LEU B 198 31.60 -6.99 20.04
N GLU B 199 31.08 -8.13 20.50
CA GLU B 199 29.72 -8.55 20.16
C GLU B 199 28.75 -8.32 21.30
N ILE B 200 27.65 -7.65 21.00
CA ILE B 200 26.60 -7.50 21.99
C ILE B 200 26.08 -8.86 22.44
N THR B 201 26.09 -9.83 21.54
CA THR B 201 25.59 -11.15 21.91
C THR B 201 26.48 -11.80 22.97
N ASP B 202 27.79 -11.57 22.88
CA ASP B 202 28.72 -12.09 23.87
C ASP B 202 28.44 -11.49 25.23
N ILE B 203 28.26 -10.16 25.24
CA ILE B 203 27.89 -9.47 26.47
C ILE B 203 26.61 -10.02 27.05
N ASN B 204 25.62 -10.24 26.20
CA ASN B 204 24.32 -10.77 26.67
C ASN B 204 24.45 -12.18 27.23
N ARG B 205 25.31 -13.00 26.62
CA ARG B 205 25.54 -14.35 27.13
C ARG B 205 26.10 -14.28 28.54
N ILE B 206 27.17 -13.51 28.70
CA ILE B 206 27.77 -13.29 30.00
C ILE B 206 26.71 -13.09 31.07
N TYR B 207 25.76 -12.19 30.80
CA TYR B 207 24.70 -11.90 31.75
C TYR B 207 23.87 -13.14 31.99
N MET B 208 23.66 -13.92 30.93
CA MET B 208 22.82 -15.10 31.03
C MET B 208 23.50 -16.19 31.85
N GLU B 209 24.77 -16.42 31.56
CA GLU B 209 25.58 -17.34 32.35
C GLU B 209 25.54 -16.98 33.83
N GLN B 210 25.40 -15.70 34.13
CA GLN B 210 25.32 -15.24 35.53
C GLN B 210 23.90 -15.32 36.08
N GLY B 211 22.96 -15.79 35.26
CA GLY B 211 21.57 -15.84 35.69
C GLY B 211 21.00 -14.44 35.92
N ARG B 212 21.55 -13.46 35.21
CA ARG B 212 21.13 -12.07 35.37
C ARG B 212 20.44 -11.50 34.12
N LEU B 213 20.07 -12.36 33.18
CA LEU B 213 19.45 -11.90 31.94
C LEU B 213 17.96 -12.22 31.84
N SER B 214 17.11 -11.19 31.98
CA SER B 214 15.70 -11.33 31.71
C SER B 214 15.40 -11.16 30.21
N VAL B 215 14.24 -11.64 29.79
CA VAL B 215 13.78 -11.47 28.43
C VAL B 215 12.38 -10.88 28.42
N ALA B 216 12.26 -9.66 27.87
CA ALA B 216 10.94 -9.06 27.66
C ALA B 216 10.36 -9.61 26.36
N MET B 217 9.14 -10.11 26.42
CA MET B 217 8.53 -10.76 25.27
C MET B 217 7.61 -9.78 24.56
N MET B 218 7.82 -9.62 23.25
CA MET B 218 6.94 -8.81 22.43
C MET B 218 6.19 -9.76 21.50
N GLY B 219 5.00 -10.18 21.93
CA GLY B 219 4.18 -11.07 21.13
C GLY B 219 3.07 -10.33 20.39
N ARG B 220 1.87 -10.88 20.47
CA ARG B 220 0.71 -10.34 19.77
C ARG B 220 0.50 -8.85 20.07
N GLY B 221 0.33 -8.07 19.02
CA GLY B 221 0.05 -6.65 19.21
C GLY B 221 1.26 -5.75 18.98
N TYR B 222 2.45 -6.34 18.97
CA TYR B 222 3.70 -5.62 18.77
C TYR B 222 4.16 -5.77 17.34
N ALA B 223 4.73 -4.69 16.82
CA ALA B 223 5.39 -4.75 15.53
C ALA B 223 6.86 -4.42 15.72
N TRP B 224 7.70 -5.10 14.96
CA TRP B 224 9.11 -4.83 14.98
C TRP B 224 9.60 -4.85 13.53
N LEU B 225 10.12 -3.72 13.06
CA LEU B 225 10.66 -3.66 11.72
C LEU B 225 12.17 -3.53 11.76
N ASP B 226 12.83 -4.30 10.93
CA ASP B 226 14.23 -4.00 10.69
C ASP B 226 14.24 -3.43 9.30
N THR B 227 15.04 -2.39 9.12
CA THR B 227 15.03 -1.70 7.87
C THR B 227 16.21 -2.17 7.00
N GLY B 228 16.31 -3.50 6.85
CA GLY B 228 17.41 -4.09 6.12
C GLY B 228 17.49 -3.57 4.70
N THR B 229 16.40 -3.78 3.95
CA THR B 229 16.39 -3.55 2.53
C THR B 229 15.46 -2.45 2.05
N HIS B 230 15.44 -2.28 0.73
CA HIS B 230 14.50 -1.39 0.09
C HIS B 230 13.08 -1.87 0.35
N GLN B 231 12.93 -3.19 0.42
CA GLN B 231 11.63 -3.82 0.61
C GLN B 231 11.05 -3.55 1.97
N SER B 232 11.88 -3.73 3.00
CA SER B 232 11.42 -3.55 4.36
C SER B 232 11.22 -2.08 4.68
N LEU B 233 11.97 -1.24 3.99
CA LEU B 233 11.89 0.20 4.17
C LEU B 233 10.53 0.72 3.70
N ILE B 234 10.08 0.22 2.57
CA ILE B 234 8.82 0.65 2.03
C ILE B 234 7.66 -0.04 2.77
N GLU B 235 7.91 -1.22 3.33
CA GLU B 235 6.93 -1.84 4.21
C GLU B 235 6.75 -1.10 5.53
N ALA B 236 7.87 -0.64 6.09
CA ALA B 236 7.81 0.14 7.34
C ALA B 236 7.07 1.45 7.10
N SER B 237 7.37 2.11 5.97
CA SER B 237 6.71 3.37 5.63
C SER B 237 5.21 3.20 5.45
N ASN B 238 4.82 2.15 4.75
CA ASN B 238 3.41 1.79 4.59
C ASN B 238 2.71 1.48 5.88
N PHE B 239 3.39 0.75 6.75
CA PHE B 239 2.84 0.45 8.07
C PHE B 239 2.60 1.73 8.87
N ILE B 240 3.59 2.62 8.92
CA ILE B 240 3.42 3.85 9.70
C ILE B 240 2.34 4.75 9.12
N ALA B 241 2.34 4.92 7.80
CA ALA B 241 1.29 5.69 7.12
C ALA B 241 -0.11 5.11 7.36
N THR B 242 -0.23 3.79 7.34
CA THR B 242 -1.52 3.16 7.55
C THR B 242 -2.00 3.36 8.98
N ILE B 243 -1.17 3.02 9.96
CA ILE B 243 -1.59 3.15 11.36
C ILE B 243 -1.99 4.60 11.63
N GLU B 244 -1.16 5.54 11.20
CA GLU B 244 -1.41 6.94 11.49
C GLU B 244 -2.72 7.44 10.88
N GLU B 245 -2.94 7.11 9.61
CA GLU B 245 -4.12 7.59 8.90
C GLU B 245 -5.40 6.92 9.39
N ARG B 246 -5.37 5.62 9.67
CA ARG B 246 -6.58 4.89 10.03
C ARG B 246 -6.94 5.02 11.50
N GLN B 247 -5.94 5.27 12.35
CA GLN B 247 -6.18 5.23 13.79
C GLN B 247 -5.91 6.55 14.44
N GLY B 248 -5.73 7.58 13.64
CA GLY B 248 -5.62 8.92 14.16
C GLY B 248 -4.58 9.13 15.25
N LEU B 249 -3.46 8.44 15.17
CA LEU B 249 -2.35 8.69 16.09
C LEU B 249 -1.04 8.73 15.33
N LYS B 250 -0.02 9.37 15.91
CA LYS B 250 1.31 9.32 15.30
C LYS B 250 2.18 8.32 16.02
N VAL B 251 3.00 7.62 15.26
CA VAL B 251 3.97 6.72 15.84
C VAL B 251 5.32 7.42 15.94
N SER B 252 5.90 7.44 17.13
CA SER B 252 7.27 7.92 17.35
C SER B 252 7.40 9.37 16.94
N CYS B 253 6.40 10.16 17.32
CA CYS B 253 6.48 11.59 17.17
C CYS B 253 7.07 12.23 18.44
N PRO B 254 8.33 12.65 18.38
CA PRO B 254 9.02 13.13 19.59
C PRO B 254 8.34 14.31 20.26
N GLU B 255 7.80 15.23 19.47
CA GLU B 255 7.09 16.39 20.02
C GLU B 255 5.88 15.94 20.83
N GLU B 256 5.11 15.00 20.28
CA GLU B 256 3.96 14.45 21.00
C GLU B 256 4.40 13.76 22.29
N ILE B 257 5.42 12.92 22.19
CA ILE B 257 5.86 12.18 23.36
C ILE B 257 6.40 13.14 24.42
N ALA B 258 7.17 14.13 23.99
CA ALA B 258 7.72 15.13 24.91
C ALA B 258 6.62 15.89 25.65
N PHE B 259 5.54 16.19 24.93
CA PHE B 259 4.41 16.87 25.52
C PHE B 259 3.63 15.97 26.49
N ARG B 260 3.29 14.76 26.07
CA ARG B 260 2.54 13.85 26.93
C ARG B 260 3.27 13.45 28.22
N LYS B 261 4.61 13.46 28.20
CA LYS B 261 5.37 13.12 29.40
C LYS B 261 5.87 14.36 30.13
N ASN B 262 5.35 15.52 29.73
CA ASN B 262 5.70 16.79 30.34
C ASN B 262 7.17 17.19 30.28
N PHE B 263 7.86 16.79 29.21
CA PHE B 263 9.22 17.25 29.00
C PHE B 263 9.15 18.71 28.54
N ILE B 264 8.02 19.06 27.93
CA ILE B 264 7.81 20.40 27.37
C ILE B 264 6.35 20.74 27.52
N ASN B 265 6.01 22.03 27.42
CA ASN B 265 4.61 22.47 27.56
C ASN B 265 3.98 22.85 26.22
N ALA B 266 2.73 23.29 26.26
CA ALA B 266 1.95 23.58 25.05
C ALA B 266 2.56 24.72 24.22
N GLN B 267 3.10 25.71 24.90
CA GLN B 267 3.73 26.84 24.22
C GLN B 267 4.95 26.44 23.40
N GLN B 268 5.70 25.47 23.91
CA GLN B 268 6.91 24.99 23.24
C GLN B 268 6.51 24.12 22.07
N VAL B 269 5.42 23.37 22.24
CA VAL B 269 4.87 22.57 21.16
C VAL B 269 4.48 23.49 19.99
N ILE B 270 3.80 24.57 20.29
CA ILE B 270 3.37 25.51 19.26
C ILE B 270 4.53 26.13 18.48
N GLU B 271 5.59 26.52 19.19
CA GLU B 271 6.79 27.02 18.51
C GLU B 271 7.44 25.98 17.59
N LEU B 272 7.49 24.73 18.03
CA LEU B 272 8.03 23.64 17.22
C LEU B 272 7.11 23.32 16.03
N ALA B 273 5.80 23.45 16.23
CA ALA B 273 4.84 23.16 15.17
C ALA B 273 4.85 24.22 14.06
N GLY B 274 5.51 25.35 14.29
CA GLY B 274 5.52 26.41 13.30
C GLY B 274 6.15 26.04 11.98
N PRO B 275 7.39 25.55 12.03
CA PRO B 275 8.07 25.17 10.77
C PRO B 275 7.42 23.96 10.09
N LEU B 276 6.51 23.29 10.79
CA LEU B 276 5.86 22.10 10.27
C LEU B 276 4.42 22.39 9.85
N SER B 277 4.08 23.66 9.75
CA SER B 277 2.67 24.04 9.59
C SER B 277 2.19 23.93 8.15
N LYS B 278 3.10 23.60 7.24
CA LYS B 278 2.74 23.37 5.84
C LYS B 278 2.31 21.91 5.58
N ASN B 279 2.36 21.05 6.59
CA ASN B 279 1.93 19.65 6.42
C ASN B 279 1.09 19.15 7.61
N ASP B 280 0.64 17.91 7.52
CA ASP B 280 -0.19 17.31 8.57
C ASP B 280 0.54 17.09 9.88
N TYR B 281 1.86 17.02 9.83
CA TYR B 281 2.65 16.84 11.02
C TYR B 281 2.47 18.06 11.93
N GLY B 282 2.66 19.25 11.39
CA GLY B 282 2.52 20.47 12.17
C GLY B 282 1.08 20.64 12.64
N LYS B 283 0.13 20.28 11.79
CA LYS B 283 -1.26 20.43 12.13
C LYS B 283 -1.69 19.48 13.24
N TYR B 284 -1.18 18.26 13.18
CA TYR B 284 -1.46 17.26 14.21
C TYR B 284 -1.03 17.79 15.59
N LEU B 285 0.10 18.46 15.63
CA LEU B 285 0.65 18.95 16.86
C LEU B 285 -0.18 20.10 17.45
N LEU B 286 -0.78 20.89 16.57
CA LEU B 286 -1.65 22.00 16.99
C LEU B 286 -2.97 21.45 17.50
N LYS B 287 -3.61 20.57 16.72
CA LYS B 287 -4.79 19.86 17.20
C LYS B 287 -4.54 19.26 18.58
N MET B 288 -3.40 18.61 18.75
CA MET B 288 -3.08 17.91 20.00
C MET B 288 -3.07 18.85 21.19
N VAL B 289 -2.56 20.07 21.00
CA VAL B 289 -2.47 21.01 22.11
C VAL B 289 -3.71 21.88 22.31
N LYS B 290 -4.88 21.42 21.85
CA LYS B 290 -6.13 22.14 22.11
C LYS B 290 -7.24 21.19 22.55
N ARG C 4 -28.49 -9.88 26.48
CA ARG C 4 -27.71 -9.03 25.58
C ARG C 4 -28.05 -9.35 24.13
N LYS C 5 -28.71 -8.40 23.46
CA LYS C 5 -29.16 -8.65 22.10
C LYS C 5 -28.68 -7.58 21.14
N GLY C 6 -28.55 -7.96 19.88
CA GLY C 6 -28.14 -7.01 18.86
C GLY C 6 -28.73 -7.30 17.50
N ILE C 7 -28.74 -6.25 16.68
CA ILE C 7 -29.24 -6.37 15.32
C ILE C 7 -28.17 -5.91 14.34
N ILE C 8 -27.98 -6.67 13.28
CA ILE C 8 -27.11 -6.26 12.20
C ILE C 8 -27.92 -5.95 10.95
N LEU C 9 -27.83 -4.72 10.46
CA LEU C 9 -28.45 -4.33 9.20
C LEU C 9 -27.57 -4.67 8.01
N ALA C 10 -27.95 -5.69 7.26
CA ALA C 10 -27.08 -6.25 6.25
C ALA C 10 -27.78 -6.36 4.90
N GLY C 11 -28.65 -5.39 4.60
CA GLY C 11 -29.26 -5.36 3.30
C GLY C 11 -28.70 -4.21 2.49
N GLY C 12 -29.58 -3.51 1.79
CA GLY C 12 -29.17 -2.38 0.98
C GLY C 12 -28.75 -2.84 -0.39
N SER C 13 -28.45 -1.88 -1.26
CA SER C 13 -28.11 -2.20 -2.64
C SER C 13 -26.61 -2.13 -2.89
N GLY C 14 -25.92 -1.28 -2.14
CA GLY C 14 -24.51 -1.02 -2.40
C GLY C 14 -24.30 -0.62 -3.86
N THR C 15 -25.10 0.34 -4.34
CA THR C 15 -25.11 0.78 -5.75
C THR C 15 -23.87 1.58 -6.16
N ARG C 16 -23.31 2.29 -5.18
CA ARG C 16 -22.02 2.93 -5.32
C ARG C 16 -20.95 1.89 -5.68
N LEU C 17 -21.20 0.62 -5.36
CA LEU C 17 -20.20 -0.45 -5.57
C LEU C 17 -20.37 -1.25 -6.86
N TYR C 18 -21.31 -0.85 -7.70
CA TYR C 18 -21.43 -1.49 -9.01
C TYR C 18 -20.11 -1.36 -9.75
N PRO C 19 -19.76 -2.39 -10.51
CA PRO C 19 -20.51 -3.64 -10.68
C PRO C 19 -20.16 -4.77 -9.70
N VAL C 20 -19.35 -4.56 -8.66
CA VAL C 20 -19.02 -5.70 -7.81
C VAL C 20 -20.18 -6.16 -6.92
N THR C 21 -21.19 -5.30 -6.73
CA THR C 21 -22.37 -5.66 -5.96
C THR C 21 -23.58 -6.04 -6.83
N MET C 22 -23.37 -6.19 -8.14
CA MET C 22 -24.46 -6.62 -9.00
C MET C 22 -24.94 -8.04 -8.68
N ALA C 23 -24.00 -8.93 -8.37
CA ALA C 23 -24.34 -10.33 -8.09
C ALA C 23 -23.89 -10.78 -6.70
N VAL C 24 -23.31 -9.87 -5.93
CA VAL C 24 -22.82 -10.19 -4.60
C VAL C 24 -23.24 -9.11 -3.61
N SER C 25 -23.78 -9.53 -2.48
CA SER C 25 -24.11 -8.57 -1.44
C SER C 25 -22.87 -7.84 -0.96
N LYS C 26 -22.99 -6.54 -0.80
CA LYS C 26 -21.96 -5.71 -0.22
C LYS C 26 -21.33 -6.35 1.03
N GLN C 27 -22.17 -6.89 1.91
CA GLN C 27 -21.73 -7.42 3.20
C GLN C 27 -21.12 -8.82 3.11
N LEU C 28 -21.02 -9.34 1.88
CA LEU C 28 -20.24 -10.55 1.65
C LEU C 28 -18.93 -10.28 0.89
N LEU C 29 -18.66 -9.02 0.55
CA LEU C 29 -17.40 -8.67 -0.09
C LEU C 29 -16.29 -8.92 0.93
N PRO C 30 -15.12 -9.40 0.46
CA PRO C 30 -13.99 -9.59 1.37
C PRO C 30 -13.39 -8.27 1.84
N ILE C 31 -13.18 -8.15 3.15
CA ILE C 31 -12.28 -7.15 3.68
C ILE C 31 -11.03 -7.92 4.06
N TYR C 32 -10.10 -7.98 3.12
CA TYR C 32 -8.91 -8.80 3.22
C TYR C 32 -9.30 -10.27 3.27
N ASP C 33 -9.16 -10.94 4.41
CA ASP C 33 -9.43 -12.37 4.45
C ASP C 33 -10.79 -12.82 5.02
N LYS C 34 -11.68 -11.88 5.27
CA LYS C 34 -12.99 -12.14 5.88
C LYS C 34 -14.10 -11.43 5.12
N PRO C 35 -15.30 -12.05 5.08
CA PRO C 35 -16.50 -11.37 4.57
C PRO C 35 -16.83 -10.17 5.42
N MET C 36 -17.25 -9.09 4.77
CA MET C 36 -17.45 -7.82 5.46
C MET C 36 -18.25 -7.96 6.74
N ILE C 37 -19.18 -8.89 6.75
CA ILE C 37 -20.10 -9.01 7.89
C ILE C 37 -19.44 -9.55 9.15
N TYR C 38 -18.32 -10.26 9.00
CA TYR C 38 -17.55 -10.69 10.18
C TYR C 38 -17.21 -9.52 11.09
N TYR C 39 -16.96 -8.36 10.50
CA TYR C 39 -16.51 -7.21 11.31
C TYR C 39 -17.59 -6.67 12.25
N PRO C 40 -18.72 -6.22 11.72
CA PRO C 40 -19.75 -5.71 12.64
C PRO C 40 -20.22 -6.80 13.61
N LEU C 41 -20.24 -8.04 13.14
CA LEU C 41 -20.55 -9.20 13.98
C LEU C 41 -19.56 -9.36 15.15
N SER C 42 -18.27 -9.31 14.87
CA SER C 42 -17.25 -9.37 15.93
C SER C 42 -17.43 -8.22 16.91
N THR C 43 -17.75 -7.04 16.39
CA THR C 43 -17.98 -5.90 17.29
C THR C 43 -19.05 -6.23 18.33
N LEU C 44 -20.11 -6.90 17.88
CA LEU C 44 -21.20 -7.32 18.76
C LEU C 44 -20.72 -8.38 19.75
N MET C 45 -20.01 -9.38 19.25
CA MET C 45 -19.42 -10.39 20.13
C MET C 45 -18.56 -9.77 21.21
N LEU C 46 -17.78 -8.74 20.85
CA LEU C 46 -16.85 -8.12 21.80
C LEU C 46 -17.56 -7.36 22.90
N ALA C 47 -18.84 -7.10 22.69
CA ALA C 47 -19.62 -6.40 23.69
C ALA C 47 -20.42 -7.41 24.50
N GLY C 48 -20.18 -8.69 24.24
CA GLY C 48 -20.80 -9.74 25.01
C GLY C 48 -22.15 -10.14 24.46
N ILE C 49 -22.51 -9.56 23.32
CA ILE C 49 -23.79 -9.88 22.69
C ILE C 49 -23.74 -11.19 21.94
N ARG C 50 -24.62 -12.13 22.29
CA ARG C 50 -24.57 -13.48 21.72
C ARG C 50 -25.86 -13.86 20.97
N ASP C 51 -26.91 -13.06 21.16
CA ASP C 51 -28.17 -13.27 20.47
C ASP C 51 -28.34 -12.14 19.46
N ILE C 52 -28.29 -12.50 18.19
CA ILE C 52 -28.15 -11.51 17.14
C ILE C 52 -29.12 -11.73 16.00
N LEU C 53 -29.86 -10.68 15.66
CA LEU C 53 -30.77 -10.72 14.53
C LEU C 53 -30.11 -10.05 13.32
N ILE C 54 -30.02 -10.81 12.24
CA ILE C 54 -29.48 -10.31 11.00
C ILE C 54 -30.62 -10.00 10.02
N ILE C 55 -30.85 -8.72 9.74
CA ILE C 55 -31.84 -8.30 8.76
C ILE C 55 -31.22 -8.05 7.38
N SER C 56 -31.75 -8.71 6.35
CA SER C 56 -31.20 -8.54 5.00
C SER C 56 -32.26 -8.66 3.90
N THR C 57 -31.81 -8.73 2.66
CA THR C 57 -32.71 -8.80 1.53
C THR C 57 -33.16 -10.23 1.31
N PRO C 58 -34.25 -10.40 0.56
CA PRO C 58 -34.76 -11.74 0.21
C PRO C 58 -33.69 -12.54 -0.50
N GLN C 59 -33.01 -11.87 -1.42
CA GLN C 59 -32.01 -12.54 -2.26
C GLN C 59 -30.69 -12.93 -1.53
N ASP C 60 -30.26 -12.09 -0.59
CA ASP C 60 -28.97 -12.28 0.08
C ASP C 60 -29.06 -13.05 1.40
N THR C 61 -30.18 -12.92 2.12
CA THR C 61 -30.39 -13.61 3.40
C THR C 61 -29.96 -15.09 3.39
N PRO C 62 -30.33 -15.84 2.33
CA PRO C 62 -29.86 -17.21 2.18
C PRO C 62 -28.34 -17.35 2.09
N ARG C 63 -27.70 -16.38 1.43
CA ARG C 63 -26.24 -16.38 1.31
C ARG C 63 -25.56 -16.21 2.68
N PHE C 64 -26.10 -15.32 3.51
CA PHE C 64 -25.63 -15.16 4.89
C PHE C 64 -25.84 -16.41 5.73
N GLN C 65 -26.97 -17.08 5.53
CA GLN C 65 -27.25 -18.29 6.30
C GLN C 65 -26.27 -19.38 5.89
N GLN C 66 -26.03 -19.50 4.59
CA GLN C 66 -25.04 -20.47 4.13
C GLN C 66 -23.67 -20.19 4.76
N LEU C 67 -23.31 -18.92 4.91
CA LEU C 67 -22.01 -18.54 5.46
C LEU C 67 -21.96 -18.71 6.97
N LEU C 68 -23.01 -18.21 7.64
CA LEU C 68 -22.98 -18.09 9.10
C LEU C 68 -23.76 -19.16 9.86
N GLY C 69 -24.78 -19.73 9.23
CA GLY C 69 -25.64 -20.70 9.89
C GLY C 69 -26.39 -20.06 11.04
N ASP C 70 -26.57 -20.80 12.12
CA ASP C 70 -27.27 -20.29 13.29
C ASP C 70 -26.28 -19.78 14.34
N GLY C 71 -25.00 -19.82 13.96
CA GLY C 71 -23.96 -19.21 14.77
C GLY C 71 -23.57 -20.04 15.98
N SER C 72 -24.16 -21.23 16.11
CA SER C 72 -23.88 -22.10 17.24
C SER C 72 -22.42 -22.55 17.22
N GLN C 73 -21.83 -22.63 16.04
CA GLN C 73 -20.41 -23.01 15.92
C GLN C 73 -19.50 -22.04 16.69
N TRP C 74 -20.00 -20.83 16.96
CA TRP C 74 -19.23 -19.80 17.67
C TRP C 74 -19.85 -19.48 19.01
N GLY C 75 -20.84 -20.28 19.41
CA GLY C 75 -21.49 -20.08 20.71
C GLY C 75 -22.50 -18.95 20.68
N LEU C 76 -23.09 -18.73 19.51
CA LEU C 76 -24.04 -17.65 19.31
C LEU C 76 -25.40 -18.18 18.90
N ASN C 77 -26.40 -17.31 19.00
CA ASN C 77 -27.71 -17.61 18.45
C ASN C 77 -28.02 -16.56 17.38
N LEU C 78 -27.98 -16.98 16.11
CA LEU C 78 -28.23 -16.07 15.00
C LEU C 78 -29.58 -16.36 14.38
N GLN C 79 -30.37 -15.30 14.22
CA GLN C 79 -31.69 -15.40 13.62
C GLN C 79 -31.70 -14.47 12.43
N TYR C 80 -32.62 -14.70 11.51
CA TYR C 80 -32.68 -13.94 10.28
C TYR C 80 -34.08 -13.41 9.99
N LYS C 81 -34.14 -12.22 9.41
CA LYS C 81 -35.40 -11.64 9.00
C LYS C 81 -35.19 -10.92 7.68
N VAL C 82 -36.01 -11.26 6.68
CA VAL C 82 -35.98 -10.58 5.40
C VAL C 82 -36.86 -9.34 5.45
N ASP C 83 -36.37 -8.24 4.91
CA ASP C 83 -37.22 -7.06 4.72
C ASP C 83 -37.22 -6.67 3.24
N PRO C 84 -38.39 -6.25 2.75
CA PRO C 84 -38.61 -5.80 1.37
C PRO C 84 -37.85 -4.50 1.12
N SER C 85 -36.89 -4.22 2.00
CA SER C 85 -36.09 -2.99 2.00
C SER C 85 -36.89 -1.71 1.87
N PRO C 86 -38.02 -1.59 2.61
CA PRO C 86 -38.74 -0.32 2.61
C PRO C 86 -37.94 0.70 3.39
N ASP C 87 -37.80 1.90 2.84
CA ASP C 87 -37.01 2.95 3.46
C ASP C 87 -37.20 3.05 4.96
N GLY C 88 -36.09 3.23 5.67
CA GLY C 88 -36.08 3.35 7.11
C GLY C 88 -35.13 2.36 7.77
N LEU C 89 -34.00 2.86 8.26
CA LEU C 89 -33.11 2.05 9.08
C LEU C 89 -33.69 1.86 10.48
N ALA C 90 -34.47 2.83 10.96
CA ALA C 90 -35.12 2.67 12.27
C ALA C 90 -36.22 1.60 12.24
N GLN C 91 -36.55 1.13 11.03
CA GLN C 91 -37.49 0.03 10.85
C GLN C 91 -36.94 -1.26 11.43
N ALA C 92 -35.69 -1.21 11.87
CA ALA C 92 -35.01 -2.38 12.42
C ALA C 92 -35.71 -2.83 13.71
N PHE C 93 -36.09 -1.84 14.52
CA PHE C 93 -36.75 -2.09 15.80
C PHE C 93 -38.19 -2.55 15.64
N ILE C 94 -38.75 -2.28 14.47
CA ILE C 94 -40.09 -2.75 14.16
C ILE C 94 -39.99 -4.19 13.66
N ILE C 95 -39.15 -4.43 12.65
CA ILE C 95 -38.91 -5.79 12.16
C ILE C 95 -38.44 -6.73 13.28
N GLY C 96 -37.79 -6.19 14.29
CA GLY C 96 -37.19 -7.01 15.30
C GLY C 96 -37.84 -6.88 16.65
N GLU C 97 -39.08 -6.40 16.65
CA GLU C 97 -39.81 -6.20 17.89
C GLU C 97 -39.95 -7.49 18.69
N GLU C 98 -40.35 -8.55 17.99
CA GLU C 98 -40.47 -9.87 18.61
C GLU C 98 -39.12 -10.34 19.16
N PHE C 99 -38.10 -10.32 18.30
CA PHE C 99 -36.75 -10.73 18.71
C PHE C 99 -36.26 -9.98 19.95
N ILE C 100 -36.49 -8.68 19.97
CA ILE C 100 -36.05 -7.84 21.08
C ILE C 100 -36.79 -8.12 22.38
N GLY C 101 -38.12 -8.22 22.29
CA GLY C 101 -38.96 -8.44 23.45
C GLY C 101 -38.80 -7.34 24.47
N HIS C 102 -38.38 -7.72 25.68
CA HIS C 102 -38.30 -6.79 26.81
C HIS C 102 -36.87 -6.35 27.08
N ASP C 103 -35.94 -6.83 26.26
CA ASP C 103 -34.52 -6.59 26.49
C ASP C 103 -34.01 -5.29 25.88
N ASP C 104 -32.86 -4.83 26.36
CA ASP C 104 -32.10 -3.78 25.69
C ASP C 104 -31.59 -4.31 24.35
N CYS C 105 -31.13 -3.41 23.48
CA CYS C 105 -30.70 -3.83 22.15
C CYS C 105 -29.62 -2.94 21.54
N ALA C 106 -28.62 -3.58 20.94
CA ALA C 106 -27.62 -2.87 20.17
C ALA C 106 -27.94 -2.98 18.68
N LEU C 107 -27.54 -1.96 17.93
CA LEU C 107 -27.73 -1.95 16.49
C LEU C 107 -26.45 -1.56 15.78
N VAL C 108 -26.06 -2.34 14.77
CA VAL C 108 -24.85 -2.05 14.04
C VAL C 108 -25.10 -2.22 12.54
N LEU C 109 -24.58 -1.30 11.73
CA LEU C 109 -24.66 -1.42 10.26
C LEU C 109 -23.67 -2.47 9.71
N GLY C 110 -24.12 -3.22 8.72
CA GLY C 110 -23.36 -4.38 8.26
C GLY C 110 -22.07 -4.01 7.55
N ASP C 111 -21.91 -2.74 7.24
CA ASP C 111 -20.70 -2.30 6.55
C ASP C 111 -19.82 -1.40 7.43
N ASN C 112 -20.06 -1.42 8.73
CA ASN C 112 -19.27 -0.64 9.66
C ASN C 112 -18.14 -1.46 10.27
N ILE C 113 -16.93 -0.93 10.19
CA ILE C 113 -15.76 -1.66 10.63
C ILE C 113 -15.10 -0.82 11.72
N PHE C 114 -15.12 -1.35 12.95
CA PHE C 114 -14.52 -0.64 14.10
C PHE C 114 -13.26 -1.34 14.56
N TYR C 115 -12.24 -0.56 14.93
CA TYR C 115 -11.03 -1.14 15.49
C TYR C 115 -10.49 -0.26 16.59
N GLY C 116 -10.12 -0.89 17.70
CA GLY C 116 -9.57 -0.14 18.83
C GLY C 116 -9.36 -1.04 20.03
N HIS C 117 -8.16 -1.01 20.60
CA HIS C 117 -7.86 -1.84 21.75
C HIS C 117 -8.93 -1.67 22.83
N ASP C 118 -9.37 -0.44 23.07
CA ASP C 118 -10.30 -0.15 24.16
C ASP C 118 -11.80 -0.17 23.79
N LEU C 119 -12.13 -0.52 22.56
CA LEU C 119 -13.55 -0.54 22.16
C LEU C 119 -14.41 -1.35 23.12
N PRO C 120 -13.96 -2.56 23.50
CA PRO C 120 -14.75 -3.38 24.44
C PRO C 120 -15.10 -2.66 25.75
N LYS C 121 -14.17 -1.92 26.33
CA LYS C 121 -14.48 -1.15 27.55
C LYS C 121 -15.56 -0.11 27.27
N LEU C 122 -15.41 0.60 26.15
CA LEU C 122 -16.39 1.59 25.72
C LEU C 122 -17.77 0.95 25.60
N MET C 123 -17.81 -0.24 25.02
CA MET C 123 -19.07 -0.93 24.81
C MET C 123 -19.66 -1.50 26.10
N GLU C 124 -18.79 -1.86 27.05
CA GLU C 124 -19.25 -2.35 28.33
C GLU C 124 -20.05 -1.26 28.99
N ALA C 125 -19.47 -0.06 29.05
CA ALA C 125 -20.14 1.11 29.62
C ALA C 125 -21.50 1.35 29.01
N ALA C 126 -21.60 1.22 27.69
CA ALA C 126 -22.86 1.46 27.00
C ALA C 126 -23.90 0.39 27.34
N VAL C 127 -23.44 -0.86 27.48
CA VAL C 127 -24.34 -1.96 27.86
C VAL C 127 -24.81 -1.78 29.31
N ASN C 128 -23.91 -1.30 30.16
CA ASN C 128 -24.18 -1.14 31.59
C ASN C 128 -24.90 0.16 31.94
N LYS C 129 -25.42 0.84 30.94
CA LYS C 129 -26.18 2.07 31.17
C LYS C 129 -27.63 1.72 31.52
N SER C 131 -30.51 3.11 31.65
CA SER C 131 -31.50 3.63 30.72
C SER C 131 -30.90 4.58 29.67
N GLY C 132 -31.70 4.89 28.65
CA GLY C 132 -31.25 5.74 27.55
C GLY C 132 -30.51 5.01 26.46
N ALA C 133 -29.75 5.78 25.69
CA ALA C 133 -29.03 5.28 24.52
C ALA C 133 -27.57 5.78 24.49
N THR C 134 -26.70 5.00 23.86
CA THR C 134 -25.33 5.44 23.61
C THR C 134 -25.05 5.40 22.12
N VAL C 135 -24.56 6.53 21.60
CA VAL C 135 -24.04 6.57 20.23
C VAL C 135 -22.53 6.68 20.28
N PHE C 136 -21.90 6.25 19.21
CA PHE C 136 -20.45 6.27 19.11
C PHE C 136 -20.01 7.33 18.11
N ALA C 137 -19.17 8.26 18.59
CA ALA C 137 -18.70 9.37 17.78
C ALA C 137 -17.25 9.18 17.36
N TYR C 138 -16.94 9.60 16.14
CA TYR C 138 -15.60 9.46 15.61
C TYR C 138 -15.16 10.77 14.99
N HIS C 139 -14.02 11.29 15.45
CA HIS C 139 -13.47 12.50 14.89
C HIS C 139 -13.20 12.34 13.40
N VAL C 140 -13.89 13.11 12.58
CA VAL C 140 -13.58 13.14 11.16
C VAL C 140 -12.99 14.50 10.79
N ASN C 141 -12.64 14.66 9.51
CA ASN C 141 -12.10 15.93 9.01
C ASN C 141 -13.09 16.59 8.07
N ASP C 142 -14.13 15.85 7.70
CA ASP C 142 -15.18 16.38 6.84
C ASP C 142 -16.57 16.19 7.44
N PRO C 143 -16.80 16.72 8.66
CA PRO C 143 -18.09 16.55 9.33
C PRO C 143 -19.30 16.77 8.42
N GLU C 144 -19.18 17.59 7.37
CA GLU C 144 -20.34 17.88 6.53
C GLU C 144 -20.97 16.63 5.90
N ARG C 145 -20.18 15.57 5.74
CA ARG C 145 -20.64 14.39 5.02
C ARG C 145 -21.37 13.39 5.91
N TYR C 146 -21.24 13.59 7.22
CA TYR C 146 -21.74 12.63 8.20
C TYR C 146 -22.75 13.26 9.14
N GLY C 147 -23.56 12.42 9.78
CA GLY C 147 -24.38 12.87 10.89
C GLY C 147 -23.43 13.38 11.97
N VAL C 148 -23.64 14.61 12.41
CA VAL C 148 -22.74 15.21 13.41
C VAL C 148 -23.40 15.36 14.77
N VAL C 149 -22.64 15.06 15.81
CA VAL C 149 -23.10 15.21 17.18
C VAL C 149 -22.19 16.18 17.93
N GLU C 150 -22.80 17.07 18.70
CA GLU C 150 -22.07 17.97 19.56
C GLU C 150 -22.44 17.64 21.00
N PHE C 151 -21.46 17.31 21.83
CA PHE C 151 -21.80 16.80 23.15
C PHE C 151 -21.18 17.56 24.32
N ASP C 152 -21.73 17.31 25.50
CA ASP C 152 -21.29 17.95 26.73
C ASP C 152 -20.04 17.25 27.28
N GLN C 153 -19.57 17.70 28.43
CA GLN C 153 -18.42 17.05 29.06
C GLN C 153 -18.82 15.74 29.76
N LYS C 154 -20.02 15.72 30.34
CA LYS C 154 -20.50 14.53 31.03
C LYS C 154 -20.67 13.40 30.05
N GLY C 155 -20.75 13.76 28.77
CA GLY C 155 -20.87 12.79 27.70
C GLY C 155 -22.25 12.87 27.07
N THR C 156 -23.03 13.82 27.54
CA THR C 156 -24.42 13.98 27.09
C THR C 156 -24.54 14.84 25.82
N ALA C 157 -25.28 14.33 24.85
CA ALA C 157 -25.42 15.01 23.55
C ALA C 157 -26.14 16.35 23.65
N VAL C 158 -25.69 17.31 22.86
CA VAL C 158 -26.27 18.66 22.85
C VAL C 158 -27.04 18.92 21.55
N SER C 159 -26.55 18.38 20.44
CA SER C 159 -27.08 18.70 19.12
C SER C 159 -26.93 17.51 18.16
N LEU C 160 -27.74 17.46 17.11
CA LEU C 160 -27.69 16.36 16.16
C LEU C 160 -28.12 16.80 14.76
N GLU C 161 -27.15 16.98 13.86
CA GLU C 161 -27.45 17.53 12.55
C GLU C 161 -27.07 16.60 11.41
N GLU C 162 -28.06 15.93 10.83
CA GLU C 162 -27.83 14.99 9.73
C GLU C 162 -27.25 15.67 8.50
N LYS C 163 -25.92 15.68 8.39
CA LYS C 163 -25.23 16.29 7.25
C LYS C 163 -25.32 17.80 7.30
N PRO C 164 -24.69 18.41 8.32
CA PRO C 164 -24.76 19.84 8.55
C PRO C 164 -24.01 20.61 7.50
N LEU C 165 -24.75 21.35 6.69
CA LEU C 165 -24.14 22.34 5.85
C LEU C 165 -23.33 23.25 6.77
N GLN C 166 -23.65 23.18 8.07
CA GLN C 166 -22.86 23.87 9.10
C GLN C 166 -22.70 23.03 10.36
N PRO C 167 -21.51 22.44 10.46
CA PRO C 167 -21.13 21.56 11.57
C PRO C 167 -20.87 22.31 12.86
N LYS C 168 -21.27 21.68 13.94
CA LYS C 168 -21.03 22.16 15.29
C LYS C 168 -19.97 21.34 16.00
N SER C 169 -19.49 20.30 15.31
CA SER C 169 -18.47 19.43 15.88
C SER C 169 -17.73 18.69 14.78
N ASN C 170 -16.59 18.14 15.14
CA ASN C 170 -15.81 17.35 14.21
C ASN C 170 -16.19 15.88 14.30
N TYR C 171 -17.18 15.58 15.14
CA TYR C 171 -17.50 14.20 15.49
C TYR C 171 -18.67 13.64 14.71
N ALA C 172 -18.40 12.62 13.89
CA ALA C 172 -19.45 11.94 13.16
C ALA C 172 -20.07 10.86 14.06
N VAL C 173 -21.37 10.63 13.87
CA VAL C 173 -22.06 9.52 14.54
C VAL C 173 -21.83 8.29 13.70
N THR C 174 -21.38 7.21 14.35
CA THR C 174 -21.05 5.99 13.61
C THR C 174 -22.24 5.04 13.59
N GLY C 175 -22.11 3.95 12.83
CA GLY C 175 -23.18 2.98 12.71
C GLY C 175 -23.21 1.92 13.81
N LEU C 176 -22.92 2.33 15.04
CA LEU C 176 -23.02 1.44 16.20
C LEU C 176 -23.83 2.15 17.27
N TYR C 177 -24.96 1.55 17.66
CA TYR C 177 -25.83 2.18 18.64
C TYR C 177 -26.26 1.21 19.75
N PHE C 178 -26.40 1.73 20.97
CA PHE C 178 -26.93 0.95 22.08
C PHE C 178 -28.22 1.56 22.62
N TYR C 179 -29.30 0.77 22.61
CA TYR C 179 -30.58 1.25 23.13
C TYR C 179 -31.12 0.42 24.30
N ASP C 180 -31.87 1.08 25.19
CA ASP C 180 -32.73 0.36 26.13
C ASP C 180 -34.05 -0.04 25.46
N ASN C 181 -34.86 -0.85 26.15
CA ASN C 181 -36.06 -1.43 25.55
C ASN C 181 -37.06 -0.41 24.99
N SER C 182 -37.04 0.81 25.52
CA SER C 182 -37.96 1.87 25.09
C SER C 182 -37.84 2.27 23.62
N VAL C 183 -36.81 1.80 22.94
CA VAL C 183 -36.59 2.17 21.55
C VAL C 183 -37.66 1.58 20.64
N VAL C 184 -38.15 0.39 20.97
CA VAL C 184 -39.15 -0.30 20.15
C VAL C 184 -40.43 0.53 20.04
N GLU C 185 -40.84 1.12 21.16
CA GLU C 185 -42.01 1.99 21.18
C GLU C 185 -41.71 3.30 20.45
N MET C 186 -40.52 3.85 20.63
CA MET C 186 -40.12 5.04 19.88
C MET C 186 -40.23 4.79 18.40
N ALA C 187 -39.66 3.69 17.95
CA ALA C 187 -39.67 3.37 16.53
C ALA C 187 -41.10 3.24 16.02
N LYS C 188 -41.96 2.60 16.80
CA LYS C 188 -43.35 2.37 16.38
C LYS C 188 -44.16 3.67 16.26
N ASN C 189 -43.87 4.63 17.15
CA ASN C 189 -44.58 5.91 17.13
C ASN C 189 -43.82 7.01 16.37
N LEU C 190 -42.84 6.60 15.56
CA LEU C 190 -42.01 7.55 14.85
C LEU C 190 -42.64 7.96 13.51
N LYS C 191 -42.61 9.25 13.22
CA LYS C 191 -43.09 9.76 11.94
C LYS C 191 -42.00 9.67 10.88
N PRO C 192 -42.36 9.19 9.68
CA PRO C 192 -41.39 9.14 8.58
C PRO C 192 -40.84 10.53 8.29
N SER C 193 -39.57 10.60 7.94
CA SER C 193 -38.93 11.87 7.61
C SER C 193 -39.38 12.31 6.22
N ALA C 194 -38.89 13.48 5.81
CA ALA C 194 -39.20 14.03 4.51
C ALA C 194 -38.93 13.02 3.41
N GLU C 197 -38.77 8.02 5.27
CA GLU C 197 -37.94 7.01 5.93
C GLU C 197 -37.97 7.13 7.46
N LEU C 198 -38.09 6.01 8.14
CA LEU C 198 -37.94 6.03 9.59
C LEU C 198 -36.44 6.17 9.92
N GLU C 199 -36.08 7.28 10.53
CA GLU C 199 -34.67 7.66 10.67
C GLU C 199 -34.09 7.33 12.04
N ILE C 200 -32.96 6.63 12.04
CA ILE C 200 -32.26 6.38 13.29
C ILE C 200 -31.88 7.71 13.96
N THR C 201 -31.59 8.73 13.16
CA THR C 201 -31.21 10.04 13.71
C THR C 201 -32.36 10.66 14.50
N ASP C 202 -33.58 10.49 14.00
CA ASP C 202 -34.76 11.00 14.69
C ASP C 202 -34.89 10.33 16.05
N ILE C 203 -34.78 9.00 16.05
CA ILE C 203 -34.83 8.25 17.30
C ILE C 203 -33.77 8.74 18.25
N ASN C 204 -32.55 8.94 17.75
CA ASN C 204 -31.45 9.41 18.60
C ASN C 204 -31.71 10.81 19.17
N ARG C 205 -32.34 11.67 18.37
CA ARG C 205 -32.67 13.01 18.86
C ARG C 205 -33.64 12.91 20.02
N ILE C 206 -34.71 12.14 19.82
CA ILE C 206 -35.69 11.89 20.87
C ILE C 206 -35.02 11.61 22.21
N TYR C 207 -34.06 10.67 22.20
CA TYR C 207 -33.33 10.33 23.42
C TYR C 207 -32.58 11.53 23.94
N MET C 208 -32.02 12.32 23.03
CA MET C 208 -31.24 13.50 23.42
C MET C 208 -32.13 14.55 24.05
N GLU C 209 -33.27 14.81 23.40
CA GLU C 209 -34.25 15.75 23.95
C GLU C 209 -34.69 15.32 25.36
N GLN C 210 -34.65 14.03 25.64
CA GLN C 210 -35.00 13.52 26.96
C GLN C 210 -33.80 13.52 27.91
N GLY C 211 -32.66 14.01 27.45
CA GLY C 211 -31.45 14.00 28.25
C GLY C 211 -31.03 12.58 28.60
N ARG C 212 -31.32 11.64 27.71
CA ARG C 212 -30.99 10.24 27.94
C ARG C 212 -29.97 9.70 26.94
N LEU C 213 -29.31 10.59 26.19
CA LEU C 213 -28.37 10.17 25.15
C LEU C 213 -26.91 10.45 25.50
N SER C 214 -26.16 9.39 25.81
CA SER C 214 -24.72 9.49 26.02
C SER C 214 -23.98 9.39 24.68
N VAL C 215 -22.74 9.88 24.66
CA VAL C 215 -21.89 9.74 23.48
C VAL C 215 -20.57 9.11 23.87
N ALA C 216 -20.29 7.94 23.29
CA ALA C 216 -18.98 7.30 23.46
C ALA C 216 -18.04 7.86 22.41
N MET C 217 -16.89 8.35 22.88
CA MET C 217 -15.94 9.02 22.00
C MET C 217 -14.86 8.05 21.55
N MET C 218 -14.69 7.92 20.24
CA MET C 218 -13.60 7.13 19.68
C MET C 218 -12.58 8.09 19.06
N GLY C 219 -11.57 8.44 19.84
CA GLY C 219 -10.55 9.35 19.38
C GLY C 219 -9.28 8.62 18.98
N ARG C 220 -8.16 9.13 19.47
CA ARG C 220 -6.85 8.60 19.11
C ARG C 220 -6.79 7.10 19.38
N GLY C 221 -6.33 6.34 18.39
CA GLY C 221 -6.11 4.90 18.57
C GLY C 221 -7.20 4.06 17.94
N TYR C 222 -8.35 4.68 17.67
CA TYR C 222 -9.48 4.01 17.03
C TYR C 222 -9.48 4.21 15.53
N ALA C 223 -9.88 3.18 14.81
CA ALA C 223 -10.11 3.30 13.39
C ALA C 223 -11.57 3.04 13.11
N TRP C 224 -12.14 3.77 12.17
CA TRP C 224 -13.49 3.52 11.74
C TRP C 224 -13.56 3.66 10.22
N LEU C 225 -13.86 2.56 9.53
CA LEU C 225 -13.97 2.59 8.11
C LEU C 225 -15.45 2.46 7.71
N ASP C 226 -15.85 3.27 6.75
CA ASP C 226 -17.11 3.02 6.08
C ASP C 226 -16.73 2.55 4.70
N THR C 227 -17.43 1.52 4.25
CA THR C 227 -17.04 0.86 3.02
C THR C 227 -17.89 1.40 1.87
N GLY C 228 -17.94 2.72 1.77
CA GLY C 228 -18.75 3.37 0.75
C GLY C 228 -18.41 2.92 -0.65
N THR C 229 -17.16 3.14 -1.03
CA THR C 229 -16.72 2.98 -2.39
C THR C 229 -15.71 1.88 -2.60
N HIS C 230 -15.27 1.76 -3.85
CA HIS C 230 -14.19 0.86 -4.22
C HIS C 230 -12.92 1.29 -3.51
N GLN C 231 -12.77 2.62 -3.36
CA GLN C 231 -11.57 3.19 -2.77
C GLN C 231 -11.46 2.83 -1.28
N SER C 232 -12.54 3.02 -0.55
CA SER C 232 -12.52 2.78 0.88
C SER C 232 -12.45 1.29 1.21
N LEU C 233 -12.94 0.47 0.28
CA LEU C 233 -12.94 -0.97 0.40
C LEU C 233 -11.51 -1.51 0.30
N ILE C 234 -10.76 -1.01 -0.67
CA ILE C 234 -9.39 -1.43 -0.81
C ILE C 234 -8.51 -0.82 0.30
N GLU C 235 -8.91 0.33 0.86
CA GLU C 235 -8.21 0.91 1.99
C GLU C 235 -8.44 0.10 3.25
N ALA C 236 -9.69 -0.35 3.42
CA ALA C 236 -10.06 -1.16 4.57
C ALA C 236 -9.30 -2.49 4.52
N SER C 237 -9.24 -3.09 3.33
CA SER C 237 -8.53 -4.36 3.17
C SER C 237 -7.04 -4.22 3.45
N ASN C 238 -6.42 -3.13 2.95
CA ASN C 238 -5.01 -2.86 3.21
C ASN C 238 -4.76 -2.60 4.69
N PHE C 239 -5.67 -1.88 5.33
CA PHE C 239 -5.53 -1.64 6.77
C PHE C 239 -5.53 -2.97 7.54
N ILE C 240 -6.50 -3.84 7.27
CA ILE C 240 -6.59 -5.11 7.99
C ILE C 240 -5.38 -6.01 7.71
N ALA C 241 -4.99 -6.11 6.46
CA ALA C 241 -3.83 -6.89 6.08
C ALA C 241 -2.56 -6.38 6.77
N THR C 242 -2.43 -5.07 6.88
CA THR C 242 -1.26 -4.46 7.47
C THR C 242 -1.21 -4.70 8.97
N ILE C 243 -2.29 -4.41 9.67
CA ILE C 243 -2.32 -4.61 11.10
C ILE C 243 -2.02 -6.07 11.41
N GLU C 244 -2.69 -6.95 10.68
CA GLU C 244 -2.55 -8.36 10.97
C GLU C 244 -1.14 -8.88 10.75
N GLU C 245 -0.54 -8.49 9.65
CA GLU C 245 0.79 -8.95 9.29
C GLU C 245 1.92 -8.34 10.14
N ARG C 246 1.79 -7.08 10.51
CA ARG C 246 2.85 -6.41 11.23
C ARG C 246 2.73 -6.60 12.72
N GLN C 247 1.51 -6.83 13.21
CA GLN C 247 1.29 -6.88 14.65
C GLN C 247 0.84 -8.24 15.14
N GLY C 248 0.92 -9.23 14.26
CA GLY C 248 0.59 -10.60 14.61
C GLY C 248 -0.72 -10.82 15.37
N LEU C 249 -1.77 -10.11 15.00
CA LEU C 249 -3.08 -10.34 15.57
C LEU C 249 -4.11 -10.32 14.44
N LYS C 250 -5.26 -10.96 14.65
CA LYS C 250 -6.35 -10.83 13.67
C LYS C 250 -7.40 -9.86 14.15
N VAL C 251 -7.96 -9.11 13.22
CA VAL C 251 -9.03 -8.20 13.54
C VAL C 251 -10.36 -8.86 13.17
N SER C 252 -11.27 -8.89 14.13
CA SER C 252 -12.63 -9.34 13.91
C SER C 252 -12.66 -10.78 13.41
N CYS C 253 -11.89 -11.64 14.08
CA CYS C 253 -11.90 -13.06 13.80
C CYS C 253 -12.85 -13.69 14.81
N PRO C 254 -14.05 -14.08 14.36
CA PRO C 254 -15.08 -14.61 15.25
C PRO C 254 -14.63 -15.86 16.05
N GLU C 255 -13.88 -16.76 15.42
CA GLU C 255 -13.39 -17.94 16.11
C GLU C 255 -12.49 -17.56 17.28
N GLU C 256 -11.56 -16.65 17.05
CA GLU C 256 -10.67 -16.15 18.10
C GLU C 256 -11.48 -15.47 19.19
N ILE C 257 -12.40 -14.60 18.82
CA ILE C 257 -13.18 -13.90 19.85
C ILE C 257 -14.04 -14.86 20.65
N ALA C 258 -14.66 -15.81 19.95
CA ALA C 258 -15.45 -16.85 20.61
C ALA C 258 -14.61 -17.63 21.62
N PHE C 259 -13.37 -17.94 21.25
CA PHE C 259 -12.49 -18.67 22.12
C PHE C 259 -12.06 -17.84 23.32
N ARG C 260 -11.61 -16.63 23.09
CA ARG C 260 -11.12 -15.77 24.16
C ARG C 260 -12.18 -15.41 25.20
N LYS C 261 -13.44 -15.40 24.78
CA LYS C 261 -14.53 -15.08 25.70
C LYS C 261 -15.25 -16.35 26.18
N ASN C 262 -14.66 -17.51 25.88
CA ASN C 262 -15.19 -18.80 26.34
C ASN C 262 -16.57 -19.14 25.81
N PHE C 263 -16.90 -18.68 24.61
CA PHE C 263 -18.14 -19.08 23.97
C PHE C 263 -17.96 -20.51 23.46
N ILE C 264 -16.70 -20.86 23.21
CA ILE C 264 -16.34 -22.19 22.70
C ILE C 264 -14.98 -22.57 23.29
N ASN C 265 -14.63 -23.85 23.21
CA ASN C 265 -13.35 -24.35 23.73
C ASN C 265 -12.37 -24.70 22.62
N ALA C 266 -11.17 -25.15 23.00
CA ALA C 266 -10.11 -25.42 22.03
C ALA C 266 -10.47 -26.50 21.02
N GLN C 267 -11.22 -27.52 21.46
CA GLN C 267 -11.59 -28.62 20.60
C GLN C 267 -12.50 -28.15 19.48
N GLN C 268 -13.39 -27.21 19.79
CA GLN C 268 -14.31 -26.67 18.80
C GLN C 268 -13.56 -25.76 17.83
N VAL C 269 -12.60 -24.99 18.37
CA VAL C 269 -11.71 -24.19 17.56
C VAL C 269 -10.99 -25.05 16.53
N ILE C 270 -10.43 -26.18 16.98
CA ILE C 270 -9.72 -27.11 16.08
C ILE C 270 -10.61 -27.66 14.95
N GLU C 271 -11.84 -28.02 15.26
CA GLU C 271 -12.78 -28.49 14.24
C GLU C 271 -13.08 -27.39 13.21
N LEU C 272 -13.26 -26.17 13.68
CA LEU C 272 -13.54 -25.04 12.80
C LEU C 272 -12.31 -24.73 11.96
N ALA C 273 -11.13 -24.90 12.55
CA ALA C 273 -9.88 -24.59 11.86
C ALA C 273 -9.55 -25.57 10.74
N GLY C 274 -10.26 -26.70 10.71
CA GLY C 274 -10.00 -27.72 9.71
C GLY C 274 -10.20 -27.27 8.28
N PRO C 275 -11.40 -26.75 7.95
CA PRO C 275 -11.65 -26.31 6.57
C PRO C 275 -10.80 -25.09 6.18
N LEU C 276 -10.18 -24.45 7.16
CA LEU C 276 -9.38 -23.26 6.92
C LEU C 276 -7.88 -23.56 6.94
N SER C 277 -7.53 -24.84 6.89
CA SER C 277 -6.14 -25.24 7.13
C SER C 277 -5.26 -25.08 5.89
N LYS C 278 -5.86 -24.70 4.77
CA LYS C 278 -5.11 -24.44 3.55
C LYS C 278 -4.58 -23.00 3.49
N ASN C 279 -4.94 -22.17 4.47
CA ASN C 279 -4.45 -20.79 4.51
C ASN C 279 -4.01 -20.33 5.90
N ASP C 280 -3.52 -19.10 5.99
CA ASP C 280 -3.02 -18.59 7.28
C ASP C 280 -4.10 -18.42 8.35
N TYR C 281 -5.35 -18.35 7.90
CA TYR C 281 -6.48 -18.14 8.80
C TYR C 281 -6.64 -19.39 9.67
N GLY C 282 -6.70 -20.55 9.04
CA GLY C 282 -6.75 -21.80 9.78
C GLY C 282 -5.54 -22.01 10.66
N LYS C 283 -4.36 -21.67 10.15
CA LYS C 283 -3.12 -21.87 10.89
C LYS C 283 -3.03 -20.97 12.11
N TYR C 284 -3.52 -19.74 11.97
CA TYR C 284 -3.51 -18.80 13.07
C TYR C 284 -4.33 -19.36 14.23
N LEU C 285 -5.44 -20.01 13.89
CA LEU C 285 -6.36 -20.56 14.89
C LEU C 285 -5.74 -21.75 15.64
N LEU C 286 -4.93 -22.53 14.95
CA LEU C 286 -4.22 -23.64 15.56
C LEU C 286 -3.10 -23.15 16.46
N LYS C 287 -2.24 -22.26 15.94
CA LYS C 287 -1.24 -21.59 16.79
C LYS C 287 -1.88 -21.04 18.06
N MET C 288 -3.00 -20.35 17.91
CA MET C 288 -3.67 -19.70 19.04
C MET C 288 -4.06 -20.71 20.12
N VAL C 289 -4.52 -21.90 19.73
CA VAL C 289 -4.96 -22.88 20.72
C VAL C 289 -3.86 -23.80 21.24
N LYS C 290 -2.61 -23.36 21.18
CA LYS C 290 -1.50 -24.12 21.76
C LYS C 290 -0.55 -23.22 22.57
N ARG D 4 -14.33 -17.54 -33.87
CA ARG D 4 -13.48 -17.35 -32.69
C ARG D 4 -14.24 -17.66 -31.43
N LYS D 5 -13.88 -18.77 -30.78
CA LYS D 5 -14.59 -19.21 -29.59
C LYS D 5 -13.66 -19.41 -28.40
N GLY D 6 -14.22 -19.29 -27.19
CA GLY D 6 -13.43 -19.54 -26.01
C GLY D 6 -14.26 -20.04 -24.86
N ILE D 7 -13.58 -20.66 -23.92
CA ILE D 7 -14.21 -21.18 -22.73
C ILE D 7 -13.56 -20.57 -21.50
N ILE D 8 -14.38 -20.18 -20.53
CA ILE D 8 -13.91 -19.72 -19.24
C ILE D 8 -14.27 -20.71 -18.13
N LEU D 9 -13.27 -21.27 -17.47
CA LEU D 9 -13.52 -22.17 -16.34
C LEU D 9 -13.69 -21.36 -15.07
N ALA D 10 -14.92 -21.32 -14.58
CA ALA D 10 -15.27 -20.43 -13.48
C ALA D 10 -15.95 -21.15 -12.33
N GLY D 11 -15.54 -22.38 -12.07
CA GLY D 11 -16.09 -23.12 -10.96
C GLY D 11 -15.05 -23.27 -9.89
N GLY D 12 -14.99 -24.45 -9.29
CA GLY D 12 -14.01 -24.75 -8.27
C GLY D 12 -14.53 -24.30 -6.93
N SER D 13 -13.76 -24.59 -5.89
CA SER D 13 -14.20 -24.32 -4.52
C SER D 13 -13.56 -23.07 -3.93
N GLY D 14 -12.34 -22.75 -4.40
CA GLY D 14 -11.56 -21.67 -3.79
C GLY D 14 -11.44 -21.84 -2.29
N THR D 15 -11.07 -23.06 -1.85
CA THR D 15 -11.04 -23.45 -0.44
C THR D 15 -9.90 -22.78 0.31
N ARG D 16 -8.83 -22.51 -0.40
CA ARG D 16 -7.74 -21.70 0.12
C ARG D 16 -8.26 -20.33 0.52
N LEU D 17 -9.38 -19.92 -0.06
CA LEU D 17 -9.91 -18.58 0.21
C LEU D 17 -10.98 -18.50 1.30
N TYR D 18 -11.23 -19.60 2.00
CA TYR D 18 -12.19 -19.55 3.11
C TYR D 18 -11.66 -18.57 4.12
N PRO D 19 -12.58 -17.86 4.81
CA PRO D 19 -14.02 -17.99 4.63
C PRO D 19 -14.63 -17.05 3.57
N VAL D 20 -13.86 -16.30 2.79
CA VAL D 20 -14.51 -15.36 1.88
C VAL D 20 -15.20 -16.05 0.70
N THR D 21 -14.86 -17.31 0.45
CA THR D 21 -15.51 -18.06 -0.61
C THR D 21 -16.56 -19.05 -0.09
N MET D 22 -16.90 -18.98 1.19
CA MET D 22 -17.94 -19.85 1.71
C MET D 22 -19.31 -19.55 1.07
N ALA D 23 -19.61 -18.28 0.86
CA ALA D 23 -20.91 -17.87 0.31
C ALA D 23 -20.80 -17.11 -1.01
N VAL D 24 -19.57 -16.89 -1.47
CA VAL D 24 -19.33 -16.16 -2.70
C VAL D 24 -18.37 -16.94 -3.59
N SER D 25 -18.70 -17.06 -4.87
CA SER D 25 -17.76 -17.69 -5.80
C SER D 25 -16.48 -16.86 -5.92
N LYS D 26 -15.35 -17.56 -5.85
CA LYS D 26 -14.04 -16.96 -6.10
C LYS D 26 -14.05 -15.98 -7.25
N GLN D 27 -14.64 -16.37 -8.38
CA GLN D 27 -14.61 -15.55 -9.59
C GLN D 27 -15.60 -14.38 -9.58
N LEU D 28 -16.24 -14.16 -8.44
CA LEU D 28 -17.05 -12.96 -8.24
C LEU D 28 -16.43 -12.08 -7.15
N LEU D 29 -15.35 -12.53 -6.53
CA LEU D 29 -14.63 -11.64 -5.63
C LEU D 29 -14.14 -10.41 -6.43
N PRO D 30 -14.15 -9.23 -5.80
CA PRO D 30 -13.57 -8.05 -6.46
C PRO D 30 -12.05 -8.12 -6.63
N ILE D 31 -11.56 -7.78 -7.82
CA ILE D 31 -10.17 -7.39 -7.99
C ILE D 31 -10.17 -5.88 -8.19
N TYR D 32 -10.08 -5.16 -7.08
CA TYR D 32 -10.28 -3.71 -7.06
C TYR D 32 -11.74 -3.40 -7.43
N ASP D 33 -11.99 -2.82 -8.59
CA ASP D 33 -13.35 -2.34 -8.87
C ASP D 33 -14.19 -3.26 -9.78
N LYS D 34 -13.68 -4.45 -10.09
CA LYS D 34 -14.32 -5.37 -11.01
C LYS D 34 -14.37 -6.78 -10.45
N PRO D 35 -15.43 -7.54 -10.76
CA PRO D 35 -15.48 -8.97 -10.41
C PRO D 35 -14.36 -9.73 -11.09
N MET D 36 -13.76 -10.67 -10.38
CA MET D 36 -12.59 -11.35 -10.89
C MET D 36 -12.75 -11.83 -12.33
N ILE D 37 -13.96 -12.25 -12.69
CA ILE D 37 -14.20 -12.85 -14.00
C ILE D 37 -14.09 -11.86 -15.16
N TYR D 38 -14.27 -10.56 -14.88
CA TYR D 38 -14.06 -9.52 -15.90
C TYR D 38 -12.68 -9.63 -16.54
N TYR D 39 -11.68 -10.06 -15.76
CA TYR D 39 -10.31 -10.09 -16.27
C TYR D 39 -10.08 -11.19 -17.33
N PRO D 40 -10.32 -12.47 -16.99
CA PRO D 40 -10.09 -13.49 -18.03
C PRO D 40 -11.04 -13.27 -19.22
N LEU D 41 -12.23 -12.77 -18.95
CA LEU D 41 -13.15 -12.39 -20.02
C LEU D 41 -12.57 -11.35 -20.95
N SER D 42 -12.06 -10.25 -20.37
CA SER D 42 -11.44 -9.21 -21.19
C SER D 42 -10.27 -9.76 -22.01
N THR D 43 -9.52 -10.67 -21.41
CA THR D 43 -8.42 -11.28 -22.15
C THR D 43 -8.93 -11.96 -23.42
N LEU D 44 -10.08 -12.64 -23.31
CA LEU D 44 -10.71 -13.27 -24.47
C LEU D 44 -11.23 -12.23 -25.48
N MET D 45 -11.89 -11.20 -24.99
CA MET D 45 -12.32 -10.12 -25.88
C MET D 45 -11.14 -9.55 -26.64
N LEU D 46 -10.00 -9.37 -25.97
CA LEU D 46 -8.84 -8.72 -26.59
C LEU D 46 -8.24 -9.56 -27.71
N ALA D 47 -8.62 -10.85 -27.73
CA ALA D 47 -8.13 -11.75 -28.76
C ALA D 47 -9.16 -11.85 -29.87
N GLY D 48 -10.19 -11.01 -29.79
CA GLY D 48 -11.24 -10.99 -30.80
C GLY D 48 -12.29 -12.08 -30.62
N ILE D 49 -12.19 -12.82 -29.52
CA ILE D 49 -13.16 -13.88 -29.23
C ILE D 49 -14.47 -13.32 -28.67
N ARG D 50 -15.59 -13.62 -29.32
CA ARG D 50 -16.89 -13.00 -28.98
C ARG D 50 -17.95 -14.03 -28.59
N ASP D 51 -17.68 -15.29 -28.87
CA ASP D 51 -18.58 -16.37 -28.49
C ASP D 51 -17.88 -17.16 -27.41
N ILE D 52 -18.44 -17.12 -26.21
CA ILE D 52 -17.75 -17.61 -25.04
C ILE D 52 -18.64 -18.48 -24.18
N LEU D 53 -18.16 -19.67 -23.87
CA LEU D 53 -18.85 -20.57 -22.96
C LEU D 53 -18.27 -20.43 -21.56
N ILE D 54 -19.13 -20.17 -20.59
CA ILE D 54 -18.73 -20.05 -19.20
C ILE D 54 -19.18 -21.29 -18.45
N ILE D 55 -18.22 -22.10 -17.99
CA ILE D 55 -18.54 -23.30 -17.22
C ILE D 55 -18.38 -23.05 -15.71
N SER D 56 -19.42 -23.32 -14.94
CA SER D 56 -19.34 -23.07 -13.50
C SER D 56 -20.14 -24.10 -12.68
N THR D 57 -20.27 -23.84 -11.39
CA THR D 57 -20.99 -24.71 -10.49
C THR D 57 -22.49 -24.46 -10.59
N PRO D 58 -23.29 -25.44 -10.14
CA PRO D 58 -24.75 -25.31 -10.13
C PRO D 58 -25.16 -24.08 -9.32
N GLN D 59 -24.48 -23.89 -8.20
CA GLN D 59 -24.83 -22.81 -7.27
C GLN D 59 -24.43 -21.40 -7.74
N ASP D 60 -23.29 -21.29 -8.44
CA ASP D 60 -22.75 -19.99 -8.84
C ASP D 60 -23.17 -19.55 -10.26
N THR D 61 -23.36 -20.52 -11.16
CA THR D 61 -23.73 -20.21 -12.55
C THR D 61 -24.85 -19.15 -12.67
N PRO D 62 -25.91 -19.25 -11.84
CA PRO D 62 -26.94 -18.21 -11.82
C PRO D 62 -26.39 -16.83 -11.41
N ARG D 63 -25.43 -16.81 -10.49
CA ARG D 63 -24.84 -15.55 -10.06
C ARG D 63 -24.09 -14.90 -11.22
N PHE D 64 -23.36 -15.70 -12.00
CA PHE D 64 -22.70 -15.19 -13.21
C PHE D 64 -23.67 -14.65 -14.24
N GLN D 65 -24.78 -15.35 -14.43
CA GLN D 65 -25.77 -14.92 -15.40
C GLN D 65 -26.40 -13.61 -14.95
N GLN D 66 -26.72 -13.51 -13.66
CA GLN D 66 -27.22 -12.25 -13.14
C GLN D 66 -26.22 -11.09 -13.39
N LEU D 67 -24.93 -11.36 -13.29
CA LEU D 67 -23.89 -10.34 -13.51
C LEU D 67 -23.65 -10.03 -14.97
N LEU D 68 -23.57 -11.08 -15.78
CA LEU D 68 -23.10 -10.93 -17.16
C LEU D 68 -24.22 -11.01 -18.22
N GLY D 69 -25.30 -11.73 -17.91
CA GLY D 69 -26.36 -11.93 -18.87
C GLY D 69 -25.87 -12.75 -20.05
N ASP D 70 -26.37 -12.44 -21.24
CA ASP D 70 -25.94 -13.17 -22.45
C ASP D 70 -24.82 -12.41 -23.16
N GLY D 71 -24.38 -11.31 -22.55
CA GLY D 71 -23.21 -10.60 -23.01
C GLY D 71 -23.47 -9.73 -24.24
N SER D 72 -24.74 -9.68 -24.64
CA SER D 72 -25.12 -8.87 -25.79
C SER D 72 -24.89 -7.39 -25.55
N GLN D 73 -24.93 -6.99 -24.28
CA GLN D 73 -24.70 -5.59 -23.93
C GLN D 73 -23.29 -5.11 -24.34
N TRP D 74 -22.39 -6.08 -24.55
CA TRP D 74 -20.99 -5.80 -24.89
C TRP D 74 -20.66 -6.35 -26.27
N GLY D 75 -21.68 -6.80 -27.00
CA GLY D 75 -21.48 -7.31 -28.34
C GLY D 75 -20.95 -8.73 -28.36
N LEU D 76 -21.32 -9.49 -27.33
CA LEU D 76 -20.85 -10.86 -27.16
C LEU D 76 -21.99 -11.84 -27.13
N ASN D 77 -21.64 -13.11 -27.30
CA ASN D 77 -22.58 -14.20 -27.09
C ASN D 77 -22.05 -15.09 -25.97
N LEU D 78 -22.68 -14.97 -24.80
CA LEU D 78 -22.28 -15.77 -23.65
C LEU D 78 -23.26 -16.89 -23.42
N GLN D 79 -22.73 -18.09 -23.25
CA GLN D 79 -23.53 -19.26 -22.94
C GLN D 79 -23.00 -19.86 -21.66
N TYR D 80 -23.79 -20.70 -21.02
CA TYR D 80 -23.45 -21.25 -19.73
C TYR D 80 -23.66 -22.75 -19.67
N LYS D 81 -22.79 -23.43 -18.95
CA LYS D 81 -22.94 -24.85 -18.72
C LYS D 81 -22.52 -25.15 -17.29
N VAL D 82 -23.39 -25.86 -16.57
CA VAL D 82 -23.08 -26.29 -15.22
C VAL D 82 -22.37 -27.63 -15.26
N ASP D 83 -21.31 -27.79 -14.46
CA ASP D 83 -20.71 -29.10 -14.29
C ASP D 83 -20.72 -29.47 -12.81
N PRO D 84 -20.98 -30.75 -12.52
CA PRO D 84 -21.00 -31.31 -11.16
C PRO D 84 -19.59 -31.31 -10.56
N SER D 85 -18.74 -30.48 -11.17
CA SER D 85 -17.31 -30.35 -10.82
C SER D 85 -16.57 -31.69 -10.67
N PRO D 86 -16.79 -32.63 -11.60
CA PRO D 86 -15.99 -33.85 -11.58
C PRO D 86 -14.57 -33.54 -12.01
N ASP D 87 -13.60 -34.04 -11.26
CA ASP D 87 -12.19 -33.77 -11.52
C ASP D 87 -11.84 -33.80 -13.01
N GLY D 88 -11.04 -32.83 -13.43
CA GLY D 88 -10.60 -32.71 -14.81
C GLY D 88 -10.90 -31.35 -15.38
N LEU D 89 -9.86 -30.54 -15.54
CA LEU D 89 -9.96 -29.29 -16.26
C LEU D 89 -10.11 -29.54 -17.76
N ALA D 90 -9.51 -30.62 -18.25
CA ALA D 90 -9.60 -30.96 -19.68
C ALA D 90 -11.02 -31.40 -20.03
N GLN D 91 -11.84 -31.60 -19.00
CA GLN D 91 -13.24 -31.93 -19.19
C GLN D 91 -13.99 -30.78 -19.83
N ALA D 92 -13.30 -29.65 -19.98
CA ALA D 92 -13.92 -28.45 -20.54
C ALA D 92 -14.31 -28.71 -22.00
N PHE D 93 -13.44 -29.41 -22.72
CA PHE D 93 -13.64 -29.70 -24.13
C PHE D 93 -14.72 -30.75 -24.36
N ILE D 94 -15.00 -31.52 -23.31
CA ILE D 94 -16.05 -32.50 -23.37
C ILE D 94 -17.39 -31.80 -23.08
N ILE D 95 -17.48 -31.11 -21.96
CA ILE D 95 -18.67 -30.32 -21.64
C ILE D 95 -19.01 -29.30 -22.76
N GLY D 96 -18.00 -28.86 -23.50
CA GLY D 96 -18.20 -27.80 -24.48
C GLY D 96 -18.11 -28.27 -25.92
N GLU D 97 -18.19 -29.59 -26.10
CA GLU D 97 -18.05 -30.20 -27.42
C GLU D 97 -19.04 -29.61 -28.42
N GLU D 98 -20.30 -29.57 -28.00
CA GLU D 98 -21.36 -28.96 -28.80
C GLU D 98 -21.07 -27.50 -29.12
N PHE D 99 -20.81 -26.72 -28.07
CA PHE D 99 -20.47 -25.30 -28.22
C PHE D 99 -19.32 -25.07 -29.23
N ILE D 100 -18.29 -25.90 -29.12
CA ILE D 100 -17.10 -25.76 -29.96
C ILE D 100 -17.36 -26.14 -31.41
N GLY D 101 -18.05 -27.25 -31.62
CA GLY D 101 -18.35 -27.73 -32.95
C GLY D 101 -17.09 -27.99 -33.75
N HIS D 102 -16.94 -27.27 -34.86
CA HIS D 102 -15.85 -27.52 -35.80
C HIS D 102 -14.78 -26.45 -35.70
N ASP D 103 -14.99 -25.50 -34.80
CA ASP D 103 -14.10 -24.35 -34.68
C ASP D 103 -12.89 -24.60 -33.79
N ASP D 104 -11.89 -23.73 -33.93
CA ASP D 104 -10.80 -23.65 -32.97
C ASP D 104 -11.33 -23.11 -31.63
N CYS D 105 -10.56 -23.24 -30.56
CA CYS D 105 -11.03 -22.83 -29.25
C CYS D 105 -9.92 -22.36 -28.30
N ALA D 106 -10.17 -21.25 -27.62
CA ALA D 106 -9.30 -20.79 -26.54
C ALA D 106 -9.89 -21.21 -25.20
N LEU D 107 -9.01 -21.46 -24.23
CA LEU D 107 -9.43 -21.80 -22.88
C LEU D 107 -8.69 -20.93 -21.86
N VAL D 108 -9.43 -20.33 -20.94
CA VAL D 108 -8.82 -19.52 -19.90
C VAL D 108 -9.44 -19.82 -18.52
N LEU D 109 -8.59 -19.91 -17.50
CA LEU D 109 -9.07 -20.11 -16.13
C LEU D 109 -9.65 -18.82 -15.54
N GLY D 110 -10.76 -18.95 -14.82
CA GLY D 110 -11.52 -17.79 -14.38
C GLY D 110 -10.80 -16.92 -13.38
N ASP D 111 -9.69 -17.40 -12.84
CA ASP D 111 -8.95 -16.64 -11.84
C ASP D 111 -7.59 -16.20 -12.36
N ASN D 112 -7.43 -16.23 -13.68
CA ASN D 112 -6.18 -15.81 -14.26
C ASN D 112 -6.25 -14.38 -14.70
N ILE D 113 -5.26 -13.60 -14.31
CA ILE D 113 -5.24 -12.18 -14.61
C ILE D 113 -3.99 -11.84 -15.39
N PHE D 114 -4.17 -11.45 -16.65
CA PHE D 114 -3.06 -11.14 -17.53
C PHE D 114 -3.03 -9.64 -17.81
N TYR D 115 -1.84 -9.05 -17.81
CA TYR D 115 -1.68 -7.65 -18.18
C TYR D 115 -0.43 -7.45 -19.02
N GLY D 116 -0.56 -6.69 -20.10
CA GLY D 116 0.57 -6.41 -20.96
C GLY D 116 0.16 -5.69 -22.23
N HIS D 117 0.83 -4.59 -22.52
CA HIS D 117 0.52 -3.81 -23.71
C HIS D 117 0.44 -4.71 -24.96
N ASP D 118 1.38 -5.64 -25.09
CA ASP D 118 1.50 -6.46 -26.29
C ASP D 118 0.76 -7.80 -26.25
N LEU D 119 0.03 -8.08 -25.19
CA LEU D 119 -0.69 -9.36 -25.11
C LEU D 119 -1.57 -9.62 -26.34
N PRO D 120 -2.34 -8.60 -26.79
CA PRO D 120 -3.17 -8.79 -27.99
C PRO D 120 -2.41 -9.29 -29.23
N LYS D 121 -1.23 -8.75 -29.49
CA LYS D 121 -0.42 -9.24 -30.61
C LYS D 121 -0.04 -10.70 -30.40
N LEU D 122 0.38 -11.02 -29.18
CA LEU D 122 0.73 -12.40 -28.83
C LEU D 122 -0.45 -13.33 -29.10
N MET D 123 -1.65 -12.85 -28.76
CA MET D 123 -2.85 -13.67 -28.91
C MET D 123 -3.30 -13.77 -30.36
N GLU D 124 -3.03 -12.72 -31.14
CA GLU D 124 -3.36 -12.75 -32.56
C GLU D 124 -2.59 -13.89 -33.21
N ALA D 125 -1.29 -13.96 -32.96
CA ALA D 125 -0.42 -15.00 -33.49
C ALA D 125 -0.94 -16.39 -33.14
N ALA D 126 -1.40 -16.57 -31.90
CA ALA D 126 -1.90 -17.87 -31.47
C ALA D 126 -3.22 -18.24 -32.17
N VAL D 127 -4.08 -17.24 -32.39
CA VAL D 127 -5.33 -17.45 -33.12
C VAL D 127 -5.03 -17.79 -34.58
N ASN D 128 -4.04 -17.10 -35.14
CA ASN D 128 -3.70 -17.23 -36.56
C ASN D 128 -2.81 -18.44 -36.87
N LYS D 129 -2.68 -19.33 -35.90
CA LYS D 129 -1.88 -20.54 -36.10
C LYS D 129 -2.71 -21.61 -36.80
N SER D 131 -2.70 -24.76 -37.33
CA SER D 131 -2.92 -25.98 -36.57
C SER D 131 -2.08 -26.04 -35.30
N GLY D 132 -2.39 -27.00 -34.43
CA GLY D 132 -1.72 -27.14 -33.16
C GLY D 132 -2.29 -26.26 -32.04
N ALA D 133 -1.45 -26.03 -31.04
CA ALA D 133 -1.85 -25.32 -29.82
C ALA D 133 -0.79 -24.30 -29.41
N THR D 134 -1.23 -23.26 -28.71
CA THR D 134 -0.31 -22.28 -28.12
C THR D 134 -0.54 -22.20 -26.62
N VAL D 135 0.53 -22.36 -25.86
CA VAL D 135 0.47 -22.11 -24.43
C VAL D 135 1.22 -20.83 -24.13
N PHE D 136 0.85 -20.20 -23.02
CA PHE D 136 1.49 -18.96 -22.61
C PHE D 136 2.39 -19.21 -21.40
N ALA D 137 3.67 -18.87 -21.56
CA ALA D 137 4.65 -19.04 -20.49
C ALA D 137 5.01 -17.73 -19.81
N TYR D 138 5.25 -17.80 -18.51
CA TYR D 138 5.59 -16.62 -17.73
C TYR D 138 6.79 -16.92 -16.84
N HIS D 139 7.82 -16.10 -16.96
CA HIS D 139 9.01 -16.28 -16.13
C HIS D 139 8.65 -16.12 -14.67
N VAL D 140 8.83 -17.19 -13.89
CA VAL D 140 8.66 -17.11 -12.45
C VAL D 140 10.02 -17.27 -11.76
N ASN D 141 10.01 -17.19 -10.43
CA ASN D 141 11.22 -17.39 -9.64
C ASN D 141 11.15 -18.70 -8.86
N ASP D 142 9.97 -19.30 -8.83
CA ASP D 142 9.77 -20.57 -8.14
C ASP D 142 9.13 -21.63 -9.04
N PRO D 143 9.77 -21.90 -10.20
CA PRO D 143 9.21 -22.87 -11.14
C PRO D 143 8.67 -24.14 -10.48
N GLU D 144 9.15 -24.50 -9.30
CA GLU D 144 8.74 -25.77 -8.72
C GLU D 144 7.23 -25.83 -8.53
N ARG D 145 6.63 -24.67 -8.26
CA ARG D 145 5.24 -24.61 -7.83
C ARG D 145 4.26 -24.67 -9.01
N TYR D 146 4.80 -24.48 -10.21
CA TYR D 146 3.98 -24.35 -11.41
C TYR D 146 4.31 -25.41 -12.45
N GLY D 147 3.37 -25.65 -13.36
CA GLY D 147 3.65 -26.45 -14.54
C GLY D 147 4.75 -25.74 -15.31
N VAL D 148 5.84 -26.43 -15.58
CA VAL D 148 6.97 -25.81 -16.26
C VAL D 148 7.13 -26.31 -17.69
N VAL D 149 7.45 -25.39 -18.58
CA VAL D 149 7.69 -25.72 -19.97
C VAL D 149 9.09 -25.29 -20.34
N GLU D 150 9.78 -26.15 -21.11
CA GLU D 150 11.08 -25.82 -21.66
C GLU D 150 10.96 -25.82 -23.17
N PHE D 151 11.28 -24.71 -23.81
CA PHE D 151 11.01 -24.60 -25.25
C PHE D 151 12.22 -24.28 -26.13
N ASP D 152 12.02 -24.48 -27.42
CA ASP D 152 13.05 -24.26 -28.42
C ASP D 152 13.18 -22.77 -28.77
N GLY D 155 10.15 -21.59 -30.96
CA GLY D 155 9.03 -21.36 -30.05
C GLY D 155 8.34 -22.67 -29.72
N THR D 156 8.93 -23.76 -30.17
CA THR D 156 8.34 -25.08 -30.02
C THR D 156 8.74 -25.74 -28.70
N ALA D 157 7.75 -26.28 -27.99
CA ALA D 157 7.98 -26.87 -26.67
C ALA D 157 8.86 -28.11 -26.70
N VAL D 158 9.71 -28.27 -25.69
CA VAL D 158 10.63 -29.40 -25.60
C VAL D 158 10.24 -30.35 -24.46
N SER D 159 9.73 -29.79 -23.37
CA SER D 159 9.46 -30.56 -22.16
C SER D 159 8.28 -29.98 -21.38
N LEU D 160 7.65 -30.78 -20.53
CA LEU D 160 6.47 -30.33 -19.79
C LEU D 160 6.34 -31.07 -18.48
N GLU D 161 6.73 -30.44 -17.39
CA GLU D 161 6.76 -31.11 -16.10
C GLU D 161 5.85 -30.48 -15.04
N GLU D 162 4.69 -31.11 -14.81
CA GLU D 162 3.73 -30.60 -13.82
C GLU D 162 4.29 -30.58 -12.41
N LYS D 163 4.86 -29.44 -12.02
CA LYS D 163 5.42 -29.25 -10.69
C LYS D 163 6.72 -30.04 -10.53
N PRO D 164 7.76 -29.65 -11.27
CA PRO D 164 9.04 -30.35 -11.29
C PRO D 164 9.79 -30.17 -9.96
N PRO D 167 13.23 -28.51 -12.19
CA PRO D 167 12.81 -27.47 -13.13
C PRO D 167 13.81 -27.27 -14.27
N LYS D 168 13.37 -27.52 -15.50
CA LYS D 168 14.21 -27.37 -16.68
C LYS D 168 14.12 -25.97 -17.26
N SER D 169 13.29 -25.15 -16.65
CA SER D 169 13.08 -23.78 -17.11
C SER D 169 12.52 -22.91 -16.01
N ASN D 170 12.63 -21.60 -16.19
CA ASN D 170 12.04 -20.66 -15.25
C ASN D 170 10.61 -20.30 -15.63
N TYR D 171 10.12 -20.90 -16.70
CA TYR D 171 8.85 -20.50 -17.30
C TYR D 171 7.66 -21.36 -16.90
N ALA D 172 6.70 -20.74 -16.19
CA ALA D 172 5.48 -21.44 -15.81
C ALA D 172 4.47 -21.36 -16.92
N VAL D 173 3.67 -22.41 -17.07
CA VAL D 173 2.59 -22.41 -18.04
C VAL D 173 1.42 -21.72 -17.37
N THR D 174 0.83 -20.75 -18.07
CA THR D 174 -0.26 -19.99 -17.48
C THR D 174 -1.62 -20.60 -17.84
N GLY D 175 -2.68 -20.06 -17.26
CA GLY D 175 -4.02 -20.54 -17.48
C GLY D 175 -4.70 -20.00 -18.73
N LEU D 176 -3.93 -19.75 -19.79
CA LEU D 176 -4.48 -19.29 -21.07
C LEU D 176 -3.97 -20.22 -22.17
N TYR D 177 -4.89 -20.86 -22.88
CA TYR D 177 -4.49 -21.78 -23.93
C TYR D 177 -5.28 -21.60 -25.23
N PHE D 178 -4.61 -21.80 -26.36
CA PHE D 178 -5.27 -21.78 -27.66
C PHE D 178 -5.17 -23.13 -28.38
N TYR D 179 -6.32 -23.70 -28.72
CA TYR D 179 -6.36 -24.99 -29.41
C TYR D 179 -7.04 -24.92 -30.77
N ASP D 180 -6.59 -25.78 -31.68
CA ASP D 180 -7.37 -26.06 -32.90
C ASP D 180 -8.44 -27.14 -32.60
N ASN D 181 -9.33 -27.38 -33.56
CA ASN D 181 -10.50 -28.23 -33.32
C ASN D 181 -10.17 -29.63 -32.82
N SER D 182 -8.99 -30.12 -33.14
CA SER D 182 -8.57 -31.48 -32.78
C SER D 182 -8.50 -31.75 -31.28
N VAL D 183 -8.64 -30.71 -30.46
CA VAL D 183 -8.53 -30.87 -29.01
C VAL D 183 -9.73 -31.64 -28.45
N VAL D 184 -10.90 -31.45 -29.06
CA VAL D 184 -12.12 -32.11 -28.59
C VAL D 184 -11.97 -33.63 -28.63
N GLU D 185 -11.37 -34.13 -29.71
CA GLU D 185 -11.13 -35.54 -29.84
C GLU D 185 -10.03 -35.99 -28.88
N MET D 186 -8.98 -35.19 -28.74
CA MET D 186 -7.94 -35.48 -27.75
C MET D 186 -8.54 -35.65 -26.36
N ALA D 187 -9.38 -34.69 -25.98
CA ALA D 187 -9.98 -34.73 -24.66
C ALA D 187 -10.83 -35.98 -24.49
N LYS D 188 -11.61 -36.32 -25.51
CA LYS D 188 -12.49 -37.50 -25.44
C LYS D 188 -11.72 -38.83 -25.30
N ASN D 189 -10.57 -38.93 -25.97
CA ASN D 189 -9.75 -40.14 -25.91
C ASN D 189 -8.66 -40.08 -24.84
N LEU D 190 -8.77 -39.14 -23.91
CA LEU D 190 -7.73 -38.94 -22.90
C LEU D 190 -7.96 -39.83 -21.69
N LYS D 191 -6.89 -40.44 -21.20
CA LYS D 191 -6.94 -41.25 -19.99
C LYS D 191 -6.81 -40.39 -18.76
N PRO D 192 -7.66 -40.63 -17.75
CA PRO D 192 -7.53 -39.89 -16.48
C PRO D 192 -6.13 -40.09 -15.88
N SER D 193 -5.61 -39.06 -15.24
CA SER D 193 -4.29 -39.15 -14.61
C SER D 193 -4.40 -39.96 -13.34
N LEU D 198 -8.97 -35.64 -15.83
CA LEU D 198 -8.51 -35.29 -17.17
C LEU D 198 -7.68 -34.01 -17.14
N GLU D 199 -6.40 -34.14 -17.51
CA GLU D 199 -5.41 -33.07 -17.29
C GLU D 199 -5.13 -32.24 -18.54
N ILE D 200 -5.25 -30.92 -18.40
CA ILE D 200 -4.87 -30.05 -19.50
C ILE D 200 -3.40 -30.26 -19.86
N THR D 201 -2.57 -30.58 -18.87
CA THR D 201 -1.14 -30.78 -19.13
C THR D 201 -0.92 -31.98 -20.04
N ASP D 202 -1.71 -33.04 -19.85
CA ASP D 202 -1.62 -34.22 -20.69
C ASP D 202 -1.95 -33.85 -22.14
N ILE D 203 -3.06 -33.15 -22.32
CA ILE D 203 -3.46 -32.67 -23.64
C ILE D 203 -2.35 -31.85 -24.27
N ASN D 204 -1.75 -30.96 -23.48
CA ASN D 204 -0.67 -30.12 -24.00
C ASN D 204 0.57 -30.93 -24.38
N ARG D 205 0.87 -31.97 -23.61
CA ARG D 205 1.98 -32.85 -23.95
C ARG D 205 1.75 -33.51 -25.29
N ILE D 206 0.57 -34.13 -25.44
CA ILE D 206 0.17 -34.72 -26.71
C ILE D 206 0.53 -33.82 -27.90
N TYR D 207 0.11 -32.56 -27.84
CA TYR D 207 0.42 -31.61 -28.90
C TYR D 207 1.92 -31.47 -29.06
N MET D 208 2.65 -31.47 -27.95
CA MET D 208 4.09 -31.26 -27.98
C MET D 208 4.78 -32.46 -28.62
N GLU D 209 4.37 -33.66 -28.22
CA GLU D 209 4.87 -34.88 -28.82
C GLU D 209 4.65 -34.90 -30.34
N GLN D 210 3.59 -34.23 -30.80
CA GLN D 210 3.30 -34.14 -32.23
C GLN D 210 4.04 -32.96 -32.89
N GLY D 211 4.84 -32.26 -32.10
CA GLY D 211 5.54 -31.08 -32.61
C GLY D 211 4.58 -30.01 -33.09
N ARG D 212 3.43 -29.94 -32.45
CA ARG D 212 2.40 -28.97 -32.80
C ARG D 212 2.16 -27.94 -31.68
N LEU D 213 3.05 -27.87 -30.69
CA LEU D 213 2.86 -26.97 -29.55
C LEU D 213 3.82 -25.79 -29.54
N SER D 214 3.28 -24.60 -29.84
CA SER D 214 4.04 -23.37 -29.72
C SER D 214 3.95 -22.84 -28.28
N VAL D 215 4.91 -22.00 -27.92
CA VAL D 215 4.89 -21.33 -26.62
C VAL D 215 5.01 -19.83 -26.82
N ALA D 216 3.98 -19.10 -26.40
CA ALA D 216 4.02 -17.64 -26.36
C ALA D 216 4.70 -17.19 -25.06
N MET D 217 5.72 -16.36 -25.21
CA MET D 217 6.52 -15.95 -24.05
C MET D 217 6.06 -14.60 -23.54
N MET D 218 5.73 -14.56 -22.24
CA MET D 218 5.37 -13.31 -21.58
C MET D 218 6.50 -12.93 -20.62
N GLY D 219 7.41 -12.09 -21.09
CA GLY D 219 8.56 -11.70 -20.30
C GLY D 219 8.40 -10.30 -19.74
N ARG D 220 9.45 -9.50 -19.86
CA ARG D 220 9.45 -8.14 -19.34
C ARG D 220 8.24 -7.36 -19.83
N GLY D 221 7.52 -6.74 -18.91
CA GLY D 221 6.44 -5.85 -19.31
C GLY D 221 5.07 -6.45 -19.01
N TYR D 222 5.05 -7.76 -18.86
CA TYR D 222 3.82 -8.51 -18.60
C TYR D 222 3.66 -8.76 -17.11
N ALA D 223 2.42 -8.74 -16.65
CA ALA D 223 2.10 -9.18 -15.31
C ALA D 223 1.15 -10.36 -15.39
N TRP D 224 1.32 -11.30 -14.48
CA TRP D 224 0.42 -12.44 -14.42
C TRP D 224 0.16 -12.72 -12.95
N LEU D 225 -1.10 -12.59 -12.54
CA LEU D 225 -1.46 -12.89 -11.17
C LEU D 225 -2.29 -14.16 -11.12
N ASP D 226 -1.97 -15.01 -10.15
CA ASP D 226 -2.88 -16.07 -9.83
C ASP D 226 -3.45 -15.69 -8.49
N THR D 227 -4.74 -15.89 -8.35
CA THR D 227 -5.42 -15.38 -7.18
C THR D 227 -5.59 -16.50 -6.17
N GLY D 228 -4.49 -17.18 -5.87
CA GLY D 228 -4.52 -18.32 -4.97
C GLY D 228 -5.07 -17.96 -3.61
N THR D 229 -4.41 -17.00 -2.97
CA THR D 229 -4.67 -16.74 -1.57
C THR D 229 -5.21 -15.34 -1.30
N HIS D 230 -5.43 -15.09 -0.01
CA HIS D 230 -5.84 -13.77 0.44
C HIS D 230 -4.76 -12.76 0.08
N GLN D 231 -3.51 -13.21 0.15
CA GLN D 231 -2.34 -12.37 -0.09
C GLN D 231 -2.25 -11.94 -1.53
N SER D 232 -2.34 -12.90 -2.44
CA SER D 232 -2.26 -12.58 -3.86
C SER D 232 -3.48 -11.79 -4.35
N LEU D 233 -4.62 -11.96 -3.67
CA LEU D 233 -5.85 -11.28 -4.04
C LEU D 233 -5.70 -9.79 -3.72
N ILE D 234 -5.18 -9.48 -2.55
CA ILE D 234 -4.99 -8.10 -2.20
C ILE D 234 -3.83 -7.47 -3.00
N GLU D 235 -2.88 -8.29 -3.46
CA GLU D 235 -1.79 -7.78 -4.30
C GLU D 235 -2.27 -7.47 -5.69
N ALA D 236 -3.17 -8.31 -6.19
CA ALA D 236 -3.78 -8.11 -7.49
C ALA D 236 -4.62 -6.84 -7.49
N SER D 237 -5.40 -6.63 -6.44
CA SER D 237 -6.24 -5.45 -6.30
C SER D 237 -5.40 -4.18 -6.20
N ASN D 238 -4.32 -4.25 -5.43
CA ASN D 238 -3.38 -3.13 -5.33
C ASN D 238 -2.70 -2.83 -6.65
N PHE D 239 -2.32 -3.87 -7.39
CA PHE D 239 -1.73 -3.67 -8.71
C PHE D 239 -2.71 -2.97 -9.66
N ILE D 240 -3.97 -3.40 -9.68
CA ILE D 240 -4.94 -2.83 -10.62
C ILE D 240 -5.26 -1.39 -10.24
N ALA D 241 -5.45 -1.14 -8.95
CA ALA D 241 -5.74 0.20 -8.45
C ALA D 241 -4.59 1.14 -8.74
N THR D 242 -3.36 0.64 -8.61
CA THR D 242 -2.17 1.45 -8.87
C THR D 242 -2.05 1.80 -10.34
N ILE D 243 -2.08 0.81 -11.22
CA ILE D 243 -1.94 1.06 -12.65
C ILE D 243 -3.00 2.04 -13.10
N GLU D 244 -4.24 1.77 -12.69
CA GLU D 244 -5.36 2.56 -13.16
C GLU D 244 -5.25 4.02 -12.71
N GLU D 245 -4.92 4.23 -11.44
CA GLU D 245 -4.83 5.57 -10.89
C GLU D 245 -3.63 6.38 -11.40
N ARG D 246 -2.47 5.75 -11.52
CA ARG D 246 -1.26 6.44 -11.92
C ARG D 246 -1.12 6.61 -13.41
N GLN D 247 -1.73 5.72 -14.19
CA GLN D 247 -1.50 5.70 -15.62
C GLN D 247 -2.77 6.00 -16.41
N GLY D 248 -3.83 6.38 -15.69
CA GLY D 248 -5.08 6.81 -16.32
C GLY D 248 -5.67 5.87 -17.35
N LEU D 249 -5.56 4.57 -17.13
CA LEU D 249 -6.22 3.61 -18.00
C LEU D 249 -6.93 2.57 -17.12
N LYS D 250 -7.89 1.85 -17.67
CA LYS D 250 -8.50 0.76 -16.92
C LYS D 250 -8.00 -0.54 -17.46
N VAL D 251 -7.86 -1.52 -16.57
CA VAL D 251 -7.41 -2.84 -16.97
C VAL D 251 -8.62 -3.76 -17.01
N SER D 252 -8.83 -4.40 -18.16
CA SER D 252 -9.87 -5.40 -18.29
C SER D 252 -11.24 -4.84 -18.04
N CYS D 253 -11.49 -3.67 -18.61
CA CYS D 253 -12.81 -3.06 -18.56
C CYS D 253 -13.53 -3.47 -19.83
N PRO D 254 -14.50 -4.39 -19.72
CA PRO D 254 -15.21 -4.92 -20.89
C PRO D 254 -15.90 -3.84 -21.73
N GLU D 255 -16.49 -2.83 -21.10
CA GLU D 255 -17.17 -1.77 -21.83
C GLU D 255 -16.19 -1.01 -22.71
N GLU D 256 -15.04 -0.67 -22.13
CA GLU D 256 -13.98 -0.01 -22.88
C GLU D 256 -13.48 -0.88 -24.04
N ILE D 257 -13.23 -2.15 -23.77
CA ILE D 257 -12.71 -3.01 -24.81
C ILE D 257 -13.74 -3.22 -25.91
N ALA D 258 -14.99 -3.39 -25.51
CA ALA D 258 -16.09 -3.55 -26.47
C ALA D 258 -16.19 -2.33 -27.38
N PHE D 259 -16.01 -1.14 -26.79
CA PHE D 259 -16.07 0.09 -27.55
C PHE D 259 -14.88 0.23 -28.51
N ARG D 260 -13.66 0.03 -28.00
CA ARG D 260 -12.47 0.18 -28.82
C ARG D 260 -12.37 -0.80 -29.98
N LYS D 261 -13.00 -1.96 -29.86
CA LYS D 261 -12.99 -2.95 -30.94
C LYS D 261 -14.29 -2.92 -31.74
N ASN D 262 -15.12 -1.91 -31.49
CA ASN D 262 -16.37 -1.70 -32.23
C ASN D 262 -17.39 -2.83 -32.08
N PHE D 263 -17.39 -3.49 -30.93
CA PHE D 263 -18.44 -4.46 -30.62
C PHE D 263 -19.72 -3.69 -30.31
N ILE D 264 -19.55 -2.45 -29.85
CA ILE D 264 -20.67 -1.57 -29.48
C ILE D 264 -20.28 -0.12 -29.81
N ASN D 265 -21.28 0.77 -29.84
CA ASN D 265 -21.03 2.18 -30.16
C ASN D 265 -21.15 3.08 -28.93
N ALA D 266 -20.95 4.38 -29.13
CA ALA D 266 -20.92 5.33 -28.01
C ALA D 266 -22.26 5.41 -27.27
N GLN D 267 -23.35 5.27 -28.01
CA GLN D 267 -24.68 5.34 -27.42
C GLN D 267 -24.92 4.18 -26.46
N GLN D 268 -24.37 3.02 -26.81
CA GLN D 268 -24.54 1.83 -25.98
C GLN D 268 -23.66 1.93 -24.74
N VAL D 269 -22.46 2.48 -24.93
CA VAL D 269 -21.56 2.80 -23.82
C VAL D 269 -22.26 3.69 -22.80
N ILE D 270 -22.89 4.77 -23.28
CA ILE D 270 -23.58 5.69 -22.39
C ILE D 270 -24.71 5.06 -21.57
N GLU D 271 -25.49 4.17 -22.20
CA GLU D 271 -26.55 3.47 -21.47
C GLU D 271 -25.97 2.56 -20.38
N LEU D 272 -24.87 1.88 -20.71
CA LEU D 272 -24.21 1.01 -19.74
C LEU D 272 -23.59 1.83 -18.62
N ALA D 273 -23.07 3.01 -18.95
CA ALA D 273 -22.41 3.87 -17.97
C ALA D 273 -23.39 4.48 -16.96
N GLY D 274 -24.68 4.37 -17.26
CA GLY D 274 -25.71 4.95 -16.41
C GLY D 274 -25.70 4.42 -14.99
N PRO D 275 -25.87 3.09 -14.84
CA PRO D 275 -25.92 2.48 -13.51
C PRO D 275 -24.59 2.59 -12.76
N LEU D 276 -23.52 2.96 -13.47
CA LEU D 276 -22.19 3.09 -12.87
C LEU D 276 -21.80 4.54 -12.63
N SER D 277 -22.77 5.44 -12.72
CA SER D 277 -22.46 6.87 -12.73
C SER D 277 -22.20 7.41 -11.32
N LYS D 278 -22.41 6.57 -10.32
CA LYS D 278 -22.14 6.96 -8.94
C LYS D 278 -20.67 6.77 -8.56
N ASN D 279 -19.88 6.15 -9.44
CA ASN D 279 -18.45 5.96 -9.17
C ASN D 279 -17.55 6.28 -10.36
N ASP D 280 -16.24 6.14 -10.18
CA ASP D 280 -15.27 6.50 -11.22
C ASP D 280 -15.33 5.60 -12.43
N TYR D 281 -15.90 4.43 -12.25
CA TYR D 281 -16.02 3.46 -13.33
C TYR D 281 -16.99 3.99 -14.40
N GLY D 282 -18.17 4.45 -13.98
CA GLY D 282 -19.12 5.06 -14.89
C GLY D 282 -18.60 6.34 -15.52
N LYS D 283 -17.91 7.14 -14.70
CA LYS D 283 -17.38 8.40 -15.19
C LYS D 283 -16.28 8.19 -16.23
N TYR D 284 -15.43 7.20 -16.00
CA TYR D 284 -14.35 6.90 -16.92
C TYR D 284 -14.93 6.58 -18.30
N LEU D 285 -16.05 5.86 -18.30
CA LEU D 285 -16.69 5.45 -19.55
C LEU D 285 -17.27 6.63 -20.32
N LEU D 286 -17.75 7.63 -19.60
CA LEU D 286 -18.29 8.84 -20.20
C LEU D 286 -17.16 9.70 -20.78
N LYS D 287 -16.15 9.99 -19.96
CA LYS D 287 -14.93 10.64 -20.47
C LYS D 287 -14.43 9.98 -21.75
N MET D 288 -14.34 8.66 -21.73
CA MET D 288 -13.80 7.92 -22.86
C MET D 288 -14.57 8.22 -24.14
N VAL D 289 -15.87 8.40 -24.01
CA VAL D 289 -16.77 8.45 -25.16
C VAL D 289 -17.01 9.90 -25.62
N LYS D 290 -16.09 10.80 -25.24
CA LYS D 290 -16.12 12.19 -25.69
C LYS D 290 -14.75 12.71 -26.15
PG DGT E . 8.38 23.42 -1.11
O1G DGT E . 7.43 22.39 -0.52
O2G DGT E . 9.27 24.11 -0.10
O3G DGT E . 7.67 24.34 -2.09
O3B DGT E . 9.38 22.54 -2.01
PB DGT E . 10.44 23.21 -3.04
O1B DGT E . 11.85 22.91 -2.57
O2B DGT E . 10.06 24.66 -3.25
O3A DGT E . 10.18 22.37 -4.39
PA DGT E . 9.15 22.84 -5.55
O1A DGT E . 9.34 24.32 -5.83
O2A DGT E . 7.78 22.30 -5.20
O5' DGT E . 9.70 22.00 -6.82
C5' DGT E . 10.16 22.61 -8.02
C4' DGT E . 11.51 22.01 -8.42
O4' DGT E . 12.50 23.05 -8.54
C3' DGT E . 11.98 21.06 -7.34
O3' DGT E . 12.61 19.93 -7.92
C2' DGT E . 13.03 21.81 -6.57
C1' DGT E . 13.53 22.86 -7.55
N9 DGT E . 13.71 24.13 -6.82
C8 DGT E . 12.78 24.74 -6.06
N7 DGT E . 13.28 25.88 -5.52
C5 DGT E . 14.55 26.00 -5.96
C6 DGT E . 15.64 26.97 -5.78
O6 DGT E . 15.46 27.97 -5.05
N1 DGT E . 16.82 26.74 -6.41
C2 DGT E . 17.01 25.64 -7.19
N2 DGT E . 18.20 25.45 -7.79
N3 DGT E . 16.04 24.71 -7.40
C4 DGT E . 14.82 24.84 -6.82
MG MG F . 7.19 20.15 -6.65
C1 PEG G . 17.23 18.99 -26.87
O1 PEG G . 18.49 19.25 -26.27
C2 PEG G . 16.41 20.27 -26.84
O2 PEG G . 15.71 20.53 -28.06
C3 PEG G . 14.79 21.60 -27.87
C4 PEG G . 14.06 22.01 -29.15
O4 PEG G . 12.99 22.94 -28.85
C1 PEG H . 7.02 8.14 2.33
O1 PEG H . 6.61 9.52 2.42
C2 PEG H . 8.37 7.93 1.63
O2 PEG H . 8.55 6.57 1.21
C3 PEG H . 9.91 6.12 1.25
C4 PEG H . 9.99 4.59 1.40
O4 PEG H . 10.54 4.02 0.19
PG DGT I . 24.45 -3.13 6.07
O1G DGT I . 23.32 -3.43 5.10
O2G DGT I . 25.63 -2.46 5.43
O3G DGT I . 24.78 -4.29 6.97
O3B DGT I . 23.81 -2.01 7.06
PB DGT I . 24.56 -1.47 8.40
O1B DGT I . 24.92 0.00 8.26
O2B DGT I . 25.69 -2.43 8.71
O3A DGT I . 23.37 -1.61 9.48
PA DGT I . 23.14 -2.90 10.44
O1A DGT I . 24.46 -3.40 10.98
O2A DGT I . 22.23 -3.84 9.68
O5' DGT I . 22.29 -2.26 11.65
C5' DGT I . 22.74 -2.29 13.01
C4' DGT I . 22.60 -0.91 13.60
O4' DGT I . 23.88 -0.49 14.11
C3' DGT I . 22.18 0.08 12.52
O3' DGT I . 21.25 1.03 13.03
C2' DGT I . 23.43 0.81 12.15
C1' DGT I . 24.31 0.66 13.39
N9 DGT I . 25.69 0.44 12.95
C8 DGT I . 26.09 -0.52 12.09
N7 DGT I . 27.43 -0.45 11.89
C5 DGT I . 27.90 0.56 12.64
C6 DGT I . 29.22 1.17 12.89
O6 DGT I . 30.23 0.72 12.33
N1 DGT I . 29.29 2.20 13.74
C2 DGT I . 28.19 2.70 14.35
N2 DGT I . 28.32 3.75 15.19
N3 DGT I . 26.94 2.20 14.16
C4 DGT I . 26.75 1.15 13.34
MG MG J . 19.67 -3.72 10.57
MG MG K . 26.21 -4.53 9.36
PG DGT L . -25.45 2.65 -1.40
O1G DGT L . -24.10 2.97 -2.00
O2G DGT L . -26.41 2.05 -2.40
O3G DGT L . -26.03 3.78 -0.57
O3B DGT L . -25.16 1.48 -0.33
PB DGT L . -26.31 0.94 0.67
O1B DGT L . -26.59 -0.51 0.34
O2B DGT L . -27.46 1.94 0.68
O3A DGT L . -25.50 0.97 2.07
PA DGT L . -25.54 2.21 3.12
O1A DGT L . -26.95 2.72 3.24
O2A DGT L . -24.43 3.13 2.71
O5' DGT L . -25.11 1.49 4.50
C5' DGT L . -25.94 1.50 5.66
C4' DGT L . -25.98 0.07 6.19
O4' DGT L . -27.34 -0.37 6.28
C3' DGT L . -25.26 -0.87 5.23
O3' DGT L . -24.52 -1.85 5.97
C2' DGT L . -26.37 -1.58 4.48
C1' DGT L . -27.58 -1.47 5.39
N9 DGT L . -28.77 -1.18 4.57
C8 DGT L . -28.88 -0.17 3.68
N7 DGT L . -30.10 -0.16 3.10
C5 DGT L . -30.79 -1.20 3.62
C6 DGT L . -32.14 -1.78 3.45
O6 DGT L . -32.93 -1.27 2.64
N1 DGT L . -32.46 -2.86 4.18
C2 DGT L . -31.61 -3.41 5.06
N2 DGT L . -31.99 -4.50 5.77
N3 DGT L . -30.35 -2.94 5.27
C4 DGT L . -29.90 -1.86 4.59
MG MG M . -22.32 2.93 4.22
C1 PEG N . -10.58 -5.94 -2.09
O1 PEG N . -10.63 -5.37 -3.40
C2 PEG N . -9.46 -6.98 -1.97
O2 PEG N . -9.69 -7.78 -0.80
C3 PEG N . -8.51 -8.29 -0.22
C4 PEG N . -8.61 -9.82 -0.16
O4 PEG N . -7.37 -10.39 0.22
PG DGT O . -8.57 -24.09 -4.41
O1G DGT O . -7.86 -23.12 -3.49
O2G DGT O . -9.74 -24.78 -3.74
O3G DGT O . -7.64 -25.01 -5.19
O3B DGT O . -9.22 -23.17 -5.56
PB DGT O . -9.93 -23.81 -6.87
O1B DGT O . -11.39 -23.44 -6.83
O2B DGT O . -9.53 -25.25 -6.97
O3A DGT O . -9.23 -22.94 -8.05
PA DGT O . -7.94 -23.41 -8.88
O1A DGT O . -8.06 -24.88 -9.24
O2A DGT O . -6.73 -22.93 -8.11
O5' DGT O . -8.06 -22.53 -10.22
C5' DGT O . -8.14 -23.13 -11.52
C4' DGT O . -9.28 -22.44 -12.27
O4' DGT O . -10.23 -23.41 -12.71
C3' DGT O . -10.01 -21.49 -11.32
O3' DGT O . -10.37 -20.29 -12.03
C2' DGT O . -11.28 -22.21 -10.93
C1' DGT O . -11.49 -23.21 -12.06
N9 DGT O . -11.94 -24.48 -11.48
C8 DGT O . -11.34 -25.15 -10.49
N7 DGT O . -12.00 -26.28 -10.17
C5 DGT O . -13.07 -26.35 -10.99
C6 DGT O . -14.21 -27.29 -11.19
O6 DGT O . -14.31 -28.31 -10.50
N1 DGT O . -15.11 -26.98 -12.14
C2 DGT O . -15.01 -25.86 -12.90
N2 DGT O . -15.95 -25.62 -13.84
N3 DGT O . -14.00 -24.97 -12.77
C4 DGT O . -13.02 -25.16 -11.85
MG MG P . -7.41 -26.70 -7.37
#